data_6S8N
#
_entry.id   6S8N
#
_cell.length_a   1.00
_cell.length_b   1.00
_cell.length_c   1.00
_cell.angle_alpha   90.00
_cell.angle_beta   90.00
_cell.angle_gamma   90.00
#
_symmetry.space_group_name_H-M   'P 1'
#
loop_
_entity.id
_entity.type
_entity.pdbx_description
1 polymer 'Lipopolysaccharide ABC transporter, ATP-binding protein LptB'
2 polymer 'Lipopolysaccharide export system protein LptC'
3 polymer 'Lipopolysaccharide export system permease protein LptF'
4 polymer 'Inner membrane protein yjgQ'
5 non-polymer 2-decyl-5,6-dimethoxy-3-methylcyclohexa-2,5-diene-1,4-dione
6 non-polymer 'Lauryl Maltose Neopentyl Glycol'
7 non-polymer DODECYL-BETA-D-MALTOSIDE
8 non-polymer 'lipopolysaccharide fragment'
#
loop_
_entity_poly.entity_id
_entity_poly.type
_entity_poly.pdbx_seq_one_letter_code
_entity_poly.pdbx_strand_id
1 'polypeptide(L)'
;MATLTAKNLAKAYKGRRVVEDVSLTVNSGEIVGLLGPNGAGKTTTFYMVVGIVPRDAGNIIIDDDDISLLPLHARARRGI
GYLPQEASIFRRLSVYDNLMAVLQIRDDLSAEQREDRANELMEEFHIEHLRDSMGQSLSGGERRRVEIARALAANPKFIL
LDEPFAGVDPISVIDIKRIIEHLRDSGLGVLITDHNVRETLAVCERAYIVSQGHLIAHGTPTEILQDEHVKRVYLGEDFR
L
;
A,B
2 'polypeptide(L)'
;MSKARRWVIIVLSLAVLVMIGINMAEKDDTAQVVVNNNDPTYKSEHTDTLVYNPEGALSYRLIAQHVEYYSDQAVSWFTQ
PVLTTFDKDKIPTWSVKADKAKLTNDRMLYLYGHVEVNALVPDSQLRRITTDNAQINLVTQDVTSEDLVTLYGTTFNSSG
LKMRGNLRSKNAELIEKVRTSYEIQNKQTQP
;
C
3 'polypeptide(L)'
;MIIIRYLVRETLKSQLAILFILLLIFFCQKLVRILGAAVDGDIPANLVLSLLGLGVPEMAQLILPLSLFLGLLMTLGKLY
TESEITVMHACGLSKAVLVKAAMILAVFTAIVAAVNVMWAGPWSSRHQDEVLAEAKANPGMAALAQGQFQQATNGSSVLF
IESVDGSDFKDVFLAQIRPKGNARPSVVVADSGHLTQLRDGSQVVTLNQGTRFEGTALLRDFRITDFQDYQAIIGHQAVA
LDPNDTDQMDMRTLWNTDTDRARAELNWRITLVVTVFMMALMVVPLSVVNPRQGRVLSMLPAMLLYLLFFLIQTSLKSNG
GKGKLDPTLWMWTVNLIYLALAIVLNLWDTVPVRRLRASFSRKGAV
;
F
4 'polypeptide(L)'
;MQPFGVLDRYIGKTIFTTIMMTLFMLVSLSGIIKFVDQLKKAGQGSYDALGAGMYTLLSVPKDVQIFFPMAALLGALLGL
GMLAQRSELVVMQASGFTRMQVALSVMKTAIPLVLLTMAIGEWVAPQGEQMARNYRAQAMYGGSLLSTQQGLWAKDGNNF
VYIERVKGDEVLGGISIYAFNENRRLQSVRYAATAKFDPEHKVWRLSQVDESDLTNPKQITGSQTVSGTWKTDLTPDKLG
VVALDPDALSISGLHNYVKYLKSSGQDAGRYQLNMWSKIFQPLSVAVMMLMALSFIFGPLRSVPMGVRVVTGISFGFVFY
VLDQIFGPLTLVYGIPPIIGALLPSASFFLISLWLLMRKS
;
G
#
loop_
_chem_comp.id
_chem_comp.type
_chem_comp.name
_chem_comp.formula
DCQ non-polymer 2-decyl-5,6-dimethoxy-3-methylcyclohexa-2,5-diene-1,4-dione 'C19 H30 O4'
L0W non-polymer 'lipopolysaccharide fragment' 'C95 H182 N2 O25 P2'
LMN non-polymer 'Lauryl Maltose Neopentyl Glycol' 'C47 H88 O22'
LMT D-saccharide DODECYL-BETA-D-MALTOSIDE 'C24 H46 O11'
#
# COMPACT_ATOMS: atom_id res chain seq x y z
N ALA A 2 -8.64 41.74 3.36
CA ALA A 2 -8.82 41.01 4.62
C ALA A 2 -7.47 40.64 5.20
N THR A 3 -7.47 40.16 6.45
CA THR A 3 -6.27 39.65 7.09
C THR A 3 -6.60 38.35 7.82
N LEU A 4 -5.84 37.30 7.54
CA LEU A 4 -5.95 36.03 8.24
C LEU A 4 -4.83 35.96 9.27
N THR A 5 -5.20 35.86 10.55
CA THR A 5 -4.21 35.79 11.60
C THR A 5 -4.45 34.55 12.46
N ALA A 6 -3.37 33.87 12.79
CA ALA A 6 -3.37 32.86 13.84
C ALA A 6 -2.73 33.46 15.09
N LYS A 7 -3.08 32.90 16.24
CA LYS A 7 -2.65 33.52 17.49
C LYS A 7 -2.43 32.41 18.52
N ASN A 8 -1.17 32.27 18.95
CA ASN A 8 -0.75 31.35 20.02
C ASN A 8 -1.13 29.91 19.73
N LEU A 9 -0.88 29.46 18.49
CA LEU A 9 -1.18 28.10 18.08
C LEU A 9 -0.32 27.11 18.83
N ALA A 10 -0.95 26.03 19.28
CA ALA A 10 -0.24 24.97 19.99
C ALA A 10 -0.85 23.64 19.59
N LYS A 11 -0.02 22.60 19.63
CA LYS A 11 -0.45 21.26 19.28
C LYS A 11 0.48 20.23 19.91
N ALA A 12 -0.08 19.28 20.66
CA ALA A 12 0.69 18.26 21.34
C ALA A 12 0.06 16.91 21.06
N TYR A 13 0.85 16.00 20.46
CA TYR A 13 0.36 14.64 20.29
C TYR A 13 0.48 13.85 21.59
N LYS A 14 1.72 13.63 22.05
CA LYS A 14 1.99 12.77 23.20
C LYS A 14 3.16 13.38 23.97
N GLY A 15 2.85 14.16 25.00
CA GLY A 15 3.89 14.69 25.86
C GLY A 15 4.68 15.84 25.25
N ARG A 16 5.39 15.58 24.17
CA ARG A 16 6.15 16.62 23.48
C ARG A 16 5.20 17.54 22.74
N ARG A 17 5.21 18.82 23.10
CA ARG A 17 4.43 19.83 22.38
C ARG A 17 5.18 20.17 21.10
N VAL A 18 4.66 19.74 19.96
CA VAL A 18 5.37 19.96 18.70
C VAL A 18 5.21 21.39 18.22
N VAL A 19 4.20 22.11 18.70
CA VAL A 19 3.97 23.52 18.36
C VAL A 19 3.67 24.25 19.66
N GLU A 20 4.35 25.37 19.89
CA GLU A 20 4.03 26.27 21.00
C GLU A 20 4.11 27.71 20.50
N ASP A 21 2.98 28.44 20.56
CA ASP A 21 2.92 29.89 20.43
C ASP A 21 3.44 30.38 19.06
N VAL A 22 2.90 29.79 18.00
CA VAL A 22 3.20 30.23 16.64
C VAL A 22 2.10 31.17 16.20
N SER A 23 2.46 32.42 15.94
CA SER A 23 1.50 33.45 15.53
C SER A 23 1.93 34.04 14.21
N LEU A 24 1.09 33.92 13.19
CA LEU A 24 1.38 34.48 11.89
C LEU A 24 0.27 35.42 11.47
N THR A 25 0.50 36.15 10.38
CA THR A 25 -0.45 37.11 9.85
C THR A 25 -0.29 37.19 8.35
N VAL A 26 -1.36 36.93 7.61
CA VAL A 26 -1.37 37.01 6.16
C VAL A 26 -2.32 38.13 5.76
N ASN A 27 -1.78 39.19 5.18
CA ASN A 27 -2.58 40.27 4.64
C ASN A 27 -2.88 39.98 3.18
N SER A 28 -3.64 40.87 2.54
CA SER A 28 -4.01 40.69 1.15
C SER A 28 -2.96 41.31 0.23
N GLY A 29 -2.74 40.67 -0.90
CA GLY A 29 -1.72 41.10 -1.85
C GLY A 29 -0.32 40.89 -1.32
N GLU A 30 -0.03 39.68 -0.86
CA GLU A 30 1.19 39.41 -0.12
C GLU A 30 1.48 37.93 -0.15
N ILE A 31 2.61 37.54 -0.74
CA ILE A 31 3.10 36.18 -0.54
C ILE A 31 3.85 36.15 0.79
N VAL A 32 3.56 35.16 1.61
CA VAL A 32 4.28 34.99 2.87
C VAL A 32 4.63 33.51 3.04
N GLY A 33 5.87 33.23 3.43
CA GLY A 33 6.33 31.87 3.55
C GLY A 33 6.36 31.35 4.97
N LEU A 34 6.38 30.03 5.12
CA LEU A 34 6.42 29.39 6.42
C LEU A 34 7.41 28.24 6.33
N LEU A 35 8.58 28.42 6.93
CA LEU A 35 9.75 27.61 6.64
C LEU A 35 10.35 27.08 7.93
N GLY A 36 11.42 26.31 7.79
CA GLY A 36 12.09 25.70 8.92
C GLY A 36 12.58 24.30 8.60
N PRO A 37 13.28 23.66 9.54
CA PRO A 37 13.74 22.29 9.32
C PRO A 37 12.58 21.30 9.30
N ASN A 38 12.87 20.11 8.80
CA ASN A 38 11.84 19.07 8.67
C ASN A 38 11.50 18.48 10.03
N GLY A 39 10.21 18.26 10.26
CA GLY A 39 9.74 17.73 11.53
C GLY A 39 9.72 18.73 12.66
N ALA A 40 10.13 19.97 12.42
CA ALA A 40 10.18 20.99 13.46
C ALA A 40 8.81 21.51 13.84
N GLY A 41 7.81 21.31 12.99
CA GLY A 41 6.49 21.84 13.21
C GLY A 41 6.07 22.92 12.25
N LYS A 42 6.68 23.01 11.07
CA LYS A 42 6.23 23.92 10.04
C LYS A 42 5.14 23.33 9.16
N THR A 43 4.94 22.01 9.22
CA THR A 43 3.87 21.36 8.49
C THR A 43 2.68 21.02 9.38
N THR A 44 2.86 21.09 10.70
CA THR A 44 1.75 20.98 11.63
C THR A 44 1.10 22.34 11.85
N THR A 45 1.89 23.40 11.98
CA THR A 45 1.32 24.75 12.08
C THR A 45 0.78 25.25 10.74
N PHE A 46 1.05 24.56 9.64
CA PHE A 46 0.39 24.84 8.37
C PHE A 46 -0.99 24.22 8.32
N TYR A 47 -1.08 22.91 8.63
CA TYR A 47 -2.37 22.21 8.61
C TYR A 47 -3.30 22.66 9.72
N MET A 48 -2.78 23.29 10.78
CA MET A 48 -3.65 23.86 11.79
C MET A 48 -4.35 25.12 11.27
N VAL A 49 -3.77 25.79 10.28
CA VAL A 49 -4.43 26.93 9.65
C VAL A 49 -5.42 26.46 8.59
N VAL A 50 -5.08 25.38 7.86
CA VAL A 50 -5.97 24.84 6.84
C VAL A 50 -7.22 24.23 7.47
N GLY A 51 -7.01 23.33 8.43
CA GLY A 51 -8.14 22.77 9.13
C GLY A 51 -8.14 21.26 9.27
N ILE A 52 -7.14 20.59 8.70
CA ILE A 52 -7.05 19.14 8.84
C ILE A 52 -6.67 18.76 10.26
N VAL A 53 -5.54 19.30 10.74
CA VAL A 53 -5.11 19.06 12.12
C VAL A 53 -5.88 20.01 13.03
N PRO A 54 -6.66 19.50 13.99
CA PRO A 54 -7.36 20.40 14.92
C PRO A 54 -6.40 20.98 15.94
N ARG A 55 -6.60 22.26 16.27
CA ARG A 55 -5.70 22.95 17.16
C ARG A 55 -5.89 22.49 18.61
N ASP A 56 -5.02 23.01 19.48
CA ASP A 56 -5.16 22.79 20.91
C ASP A 56 -5.33 24.08 21.71
N ALA A 57 -4.69 25.18 21.30
CA ALA A 57 -4.83 26.42 22.06
C ALA A 57 -4.87 27.66 21.17
N GLY A 58 -5.00 27.51 19.85
CA GLY A 58 -4.87 28.63 18.96
C GLY A 58 -6.17 29.39 18.74
N ASN A 59 -6.07 30.42 17.90
CA ASN A 59 -7.20 31.27 17.54
C ASN A 59 -7.02 31.68 16.07
N ILE A 60 -7.63 30.91 15.17
CA ILE A 60 -7.61 31.25 13.76
C ILE A 60 -8.72 32.26 13.48
N ILE A 61 -8.36 33.40 12.90
CA ILE A 61 -9.28 34.51 12.74
C ILE A 61 -9.10 35.10 11.34
N ILE A 62 -10.15 35.02 10.52
CA ILE A 62 -10.30 35.92 9.38
C ILE A 62 -11.11 37.11 9.92
N ASP A 63 -11.02 38.24 9.21
CA ASP A 63 -11.08 39.61 9.73
C ASP A 63 -12.10 39.92 10.84
N ASP A 64 -13.27 39.26 10.85
CA ASP A 64 -14.11 39.44 12.02
C ASP A 64 -14.81 38.16 12.51
N ASP A 65 -14.35 36.96 12.12
CA ASP A 65 -14.99 35.74 12.59
C ASP A 65 -13.96 34.72 13.02
N ASP A 66 -14.15 34.14 14.20
CA ASP A 66 -13.27 33.10 14.72
C ASP A 66 -13.61 31.76 14.07
N ILE A 67 -12.61 31.12 13.45
CA ILE A 67 -12.83 29.88 12.73
C ILE A 67 -11.95 28.77 13.30
N SER A 68 -11.56 28.91 14.57
CA SER A 68 -10.63 27.94 15.15
C SER A 68 -11.32 26.65 15.56
N LEU A 69 -12.65 26.64 15.65
CA LEU A 69 -13.39 25.44 16.01
C LEU A 69 -13.93 24.70 14.79
N LEU A 70 -13.91 25.32 13.63
CA LEU A 70 -14.57 24.84 12.43
C LEU A 70 -13.73 23.77 11.73
N PRO A 71 -14.36 22.82 11.04
CA PRO A 71 -13.62 21.89 10.19
C PRO A 71 -13.18 22.54 8.88
N LEU A 72 -12.60 21.75 7.97
CA LEU A 72 -12.04 22.31 6.74
C LEU A 72 -13.14 22.79 5.79
N HIS A 73 -14.29 22.10 5.77
CA HIS A 73 -15.32 22.45 4.81
C HIS A 73 -16.11 23.68 5.20
N ALA A 74 -16.27 23.95 6.49
CA ALA A 74 -16.87 25.20 6.92
C ALA A 74 -15.88 26.35 6.89
N ARG A 75 -14.58 26.02 6.87
CA ARG A 75 -13.54 27.02 6.76
C ARG A 75 -13.30 27.45 5.32
N ALA A 76 -13.55 26.55 4.37
CA ALA A 76 -13.37 26.84 2.95
C ALA A 76 -14.46 27.72 2.38
N ARG A 77 -15.57 27.91 3.11
CA ARG A 77 -16.62 28.81 2.68
C ARG A 77 -16.44 30.23 3.23
N ARG A 78 -15.57 30.40 4.22
CA ARG A 78 -15.23 31.73 4.71
C ARG A 78 -14.18 32.42 3.85
N GLY A 79 -13.52 31.69 2.96
CA GLY A 79 -12.56 32.30 2.06
C GLY A 79 -11.15 31.76 2.18
N ILE A 80 -11.00 30.51 2.57
CA ILE A 80 -9.71 29.85 2.67
C ILE A 80 -9.65 28.78 1.59
N GLY A 81 -8.60 28.83 0.77
CA GLY A 81 -8.43 27.85 -0.29
C GLY A 81 -7.21 26.99 -0.06
N TYR A 82 -7.33 25.69 -0.26
CA TYR A 82 -6.24 24.76 -0.01
C TYR A 82 -5.89 24.01 -1.29
N LEU A 83 -4.62 24.01 -1.63
CA LEU A 83 -4.10 23.27 -2.79
C LEU A 83 -3.11 22.22 -2.31
N PRO A 84 -3.51 20.94 -2.30
CA PRO A 84 -2.62 19.90 -1.78
C PRO A 84 -1.47 19.60 -2.72
N GLN A 85 -0.39 19.05 -2.15
CA GLN A 85 0.85 18.83 -2.88
C GLN A 85 0.82 17.61 -3.79
N GLU A 86 -0.27 16.85 -3.78
CA GLU A 86 -0.45 15.73 -4.69
C GLU A 86 -1.13 16.24 -5.96
N ALA A 87 -1.64 15.32 -6.78
CA ALA A 87 -2.29 15.73 -8.00
C ALA A 87 -3.65 16.37 -7.72
N SER A 88 -4.60 15.58 -7.20
CA SER A 88 -5.93 16.00 -6.74
C SER A 88 -6.79 16.66 -7.81
N ILE A 89 -6.47 16.49 -9.10
CA ILE A 89 -7.44 16.85 -10.12
C ILE A 89 -8.49 15.76 -10.23
N PHE A 90 -9.73 16.15 -10.53
CA PHE A 90 -10.80 15.18 -10.75
C PHE A 90 -10.51 14.46 -12.05
N ARG A 91 -10.20 13.17 -11.97
CA ARG A 91 -9.59 12.44 -13.07
C ARG A 91 -10.56 12.09 -14.19
N ARG A 92 -11.59 11.30 -13.88
CA ARG A 92 -12.55 10.89 -14.92
C ARG A 92 -13.72 11.87 -15.02
N LEU A 93 -13.37 13.14 -15.11
CA LEU A 93 -14.30 14.25 -15.20
C LEU A 93 -13.63 15.34 -16.03
N SER A 94 -14.43 16.05 -16.82
CA SER A 94 -13.90 16.97 -17.82
C SER A 94 -13.24 18.18 -17.17
N VAL A 95 -12.40 18.86 -17.95
CA VAL A 95 -11.65 20.01 -17.46
C VAL A 95 -12.50 21.28 -17.41
N TYR A 96 -13.64 21.29 -18.12
CA TYR A 96 -14.65 22.31 -17.91
C TYR A 96 -15.58 21.94 -16.77
N ASP A 97 -15.80 20.65 -16.55
CA ASP A 97 -16.61 20.21 -15.42
C ASP A 97 -15.85 20.23 -14.11
N ASN A 98 -14.53 20.42 -14.14
CA ASN A 98 -13.79 20.64 -12.91
C ASN A 98 -14.14 21.99 -12.30
N LEU A 99 -14.24 23.01 -13.13
CA LEU A 99 -14.61 24.34 -12.66
C LEU A 99 -16.08 24.41 -12.31
N MET A 100 -16.94 23.75 -13.10
CA MET A 100 -18.38 23.72 -12.83
C MET A 100 -18.72 22.86 -11.62
N ALA A 101 -17.82 21.96 -11.21
CA ALA A 101 -18.02 21.18 -9.99
C ALA A 101 -18.06 22.07 -8.77
N VAL A 102 -17.12 23.01 -8.64
CA VAL A 102 -17.02 23.85 -7.47
C VAL A 102 -17.75 25.17 -7.61
N LEU A 103 -18.22 25.51 -8.81
CA LEU A 103 -19.00 26.72 -9.00
C LEU A 103 -20.47 26.52 -8.65
N GLN A 104 -20.92 25.28 -8.52
CA GLN A 104 -22.28 24.99 -8.08
C GLN A 104 -22.43 24.97 -6.57
N ILE A 105 -21.32 24.99 -5.82
CA ILE A 105 -21.40 25.01 -4.37
C ILE A 105 -21.78 26.39 -3.85
N ARG A 106 -21.32 27.45 -4.52
CA ARG A 106 -21.59 28.82 -4.10
C ARG A 106 -23.05 29.15 -4.38
N ASP A 107 -23.79 29.49 -3.33
CA ASP A 107 -25.22 29.73 -3.42
C ASP A 107 -25.57 31.16 -3.81
N ASP A 108 -24.58 31.99 -4.14
CA ASP A 108 -24.83 33.35 -4.57
C ASP A 108 -24.61 33.56 -6.06
N LEU A 109 -24.56 32.47 -6.83
CA LEU A 109 -24.50 32.51 -8.28
C LEU A 109 -25.76 31.84 -8.81
N SER A 110 -26.40 32.48 -9.78
CA SER A 110 -27.49 31.81 -10.48
C SER A 110 -26.91 30.79 -11.46
N ALA A 111 -27.78 29.87 -11.90
CA ALA A 111 -27.37 28.70 -12.66
C ALA A 111 -26.81 29.03 -14.05
N GLU A 112 -27.05 30.24 -14.56
CA GLU A 112 -26.42 30.70 -15.77
C GLU A 112 -25.22 31.60 -15.51
N GLN A 113 -25.12 32.17 -14.30
CA GLN A 113 -24.01 33.02 -13.92
C GLN A 113 -22.75 32.22 -13.58
N ARG A 114 -22.83 30.90 -13.54
CA ARG A 114 -21.65 30.08 -13.37
C ARG A 114 -21.01 29.70 -14.69
N GLU A 115 -21.77 29.64 -15.78
CA GLU A 115 -21.21 29.21 -17.06
C GLU A 115 -20.66 30.37 -17.88
N ASP A 116 -20.59 31.57 -17.31
CA ASP A 116 -19.69 32.59 -17.84
C ASP A 116 -18.56 32.94 -16.88
N ARG A 117 -18.72 32.64 -15.59
CA ARG A 117 -17.58 32.70 -14.67
C ARG A 117 -16.60 31.58 -14.96
N ALA A 118 -17.10 30.40 -15.34
CA ALA A 118 -16.22 29.32 -15.77
C ALA A 118 -15.57 29.64 -17.10
N ASN A 119 -16.33 30.24 -18.03
CA ASN A 119 -15.81 30.66 -19.32
C ASN A 119 -14.85 31.84 -19.23
N GLU A 120 -14.81 32.52 -18.09
CA GLU A 120 -13.86 33.60 -17.81
C GLU A 120 -12.60 33.10 -17.12
N LEU A 121 -12.71 32.12 -16.23
CA LEU A 121 -11.55 31.61 -15.52
C LEU A 121 -10.67 30.76 -16.42
N MET A 122 -11.28 30.05 -17.38
CA MET A 122 -10.51 29.13 -18.20
C MET A 122 -9.84 29.80 -19.38
N GLU A 123 -9.99 31.11 -19.55
CA GLU A 123 -9.18 31.85 -20.50
C GLU A 123 -8.19 32.79 -19.83
N GLU A 124 -8.40 33.13 -18.56
CA GLU A 124 -7.38 33.85 -17.79
C GLU A 124 -6.17 32.97 -17.54
N PHE A 125 -6.39 31.71 -17.20
CA PHE A 125 -5.32 30.74 -16.98
C PHE A 125 -4.95 29.97 -18.24
N HIS A 126 -5.46 30.39 -19.40
CA HIS A 126 -5.09 29.87 -20.73
C HIS A 126 -5.37 28.38 -20.86
N ILE A 127 -6.48 27.92 -20.28
CA ILE A 127 -6.83 26.50 -20.34
C ILE A 127 -8.12 26.31 -21.11
N GLU A 128 -8.36 27.15 -22.11
CA GLU A 128 -9.57 27.06 -22.92
C GLU A 128 -9.42 26.17 -24.15
N HIS A 129 -8.19 25.94 -24.64
CA HIS A 129 -8.02 25.06 -25.78
C HIS A 129 -8.24 23.60 -25.42
N LEU A 130 -8.14 23.26 -24.15
CA LEU A 130 -8.51 21.94 -23.64
C LEU A 130 -9.86 22.09 -22.93
N ARG A 131 -10.87 21.37 -23.42
CA ARG A 131 -12.22 21.49 -22.91
C ARG A 131 -12.86 20.17 -22.51
N ASP A 132 -12.50 19.06 -23.15
CA ASP A 132 -13.02 17.75 -22.77
C ASP A 132 -11.94 16.79 -22.31
N SER A 133 -10.68 17.24 -22.25
CA SER A 133 -9.60 16.38 -21.79
C SER A 133 -9.75 16.15 -20.30
N MET A 134 -9.85 14.88 -19.90
CA MET A 134 -10.29 14.49 -18.56
C MET A 134 -9.33 14.92 -17.46
N GLY A 135 -8.14 14.34 -17.40
CA GLY A 135 -7.26 14.67 -16.30
C GLY A 135 -6.42 13.53 -15.78
N GLN A 136 -6.77 12.29 -16.11
CA GLN A 136 -5.88 11.19 -15.77
C GLN A 136 -4.64 11.19 -16.65
N SER A 137 -4.71 11.84 -17.81
CA SER A 137 -3.55 12.15 -18.63
C SER A 137 -3.78 13.55 -19.19
N LEU A 138 -3.29 14.57 -18.47
CA LEU A 138 -3.39 15.94 -18.94
C LEU A 138 -2.03 16.54 -19.26
N SER A 139 -1.18 16.70 -18.24
CA SER A 139 0.21 17.17 -18.30
C SER A 139 0.77 17.15 -16.88
N GLY A 140 2.02 17.57 -16.73
CA GLY A 140 2.50 17.98 -15.43
C GLY A 140 2.24 19.47 -15.25
N GLY A 141 2.16 20.18 -16.37
CA GLY A 141 1.94 21.61 -16.41
C GLY A 141 0.50 22.05 -16.36
N GLU A 142 -0.45 21.12 -16.48
CA GLU A 142 -1.84 21.39 -16.18
C GLU A 142 -2.40 20.54 -15.05
N ARG A 143 -1.55 19.81 -14.34
CA ARG A 143 -1.86 19.29 -13.01
C ARG A 143 -1.40 20.31 -11.97
N ARG A 144 -1.18 21.55 -12.41
CA ARG A 144 -0.85 22.67 -11.55
C ARG A 144 -1.60 23.94 -11.90
N ARG A 145 -2.30 24.01 -13.04
CA ARG A 145 -2.93 25.24 -13.48
C ARG A 145 -4.45 25.15 -13.59
N VAL A 146 -5.01 23.97 -13.82
CA VAL A 146 -6.46 23.81 -13.66
C VAL A 146 -6.84 23.82 -12.20
N GLU A 147 -5.99 23.28 -11.33
CA GLU A 147 -6.30 23.23 -9.90
C GLU A 147 -6.23 24.60 -9.25
N ILE A 148 -5.46 25.51 -9.84
CA ILE A 148 -5.48 26.90 -9.38
C ILE A 148 -6.71 27.63 -9.87
N ALA A 149 -7.14 27.35 -11.10
CA ALA A 149 -8.40 27.90 -11.60
C ALA A 149 -9.60 27.31 -10.87
N ARG A 150 -9.50 26.06 -10.43
CA ARG A 150 -10.58 25.44 -9.68
C ARG A 150 -10.60 25.91 -8.23
N ALA A 151 -9.44 26.14 -7.61
CA ALA A 151 -9.40 26.71 -6.27
C ALA A 151 -9.78 28.18 -6.26
N LEU A 152 -9.67 28.86 -7.38
CA LEU A 152 -10.13 30.24 -7.52
C LEU A 152 -11.61 30.32 -7.84
N ALA A 153 -12.21 29.23 -8.30
CA ALA A 153 -13.64 29.23 -8.59
C ALA A 153 -14.49 29.07 -7.36
N ALA A 154 -13.90 28.70 -6.22
CA ALA A 154 -14.61 28.62 -4.95
C ALA A 154 -14.59 29.94 -4.20
N ASN A 155 -14.12 31.01 -4.82
CA ASN A 155 -13.97 32.37 -4.29
C ASN A 155 -13.20 32.41 -2.97
N PRO A 156 -11.88 32.22 -2.99
CA PRO A 156 -11.11 32.31 -1.75
C PRO A 156 -10.62 33.74 -1.51
N LYS A 157 -10.16 33.97 -0.28
CA LYS A 157 -9.39 35.16 0.04
C LYS A 157 -7.95 34.84 0.39
N PHE A 158 -7.67 33.62 0.86
CA PHE A 158 -6.42 33.26 1.49
C PHE A 158 -5.96 31.88 1.03
N ILE A 159 -5.74 31.74 -0.29
CA ILE A 159 -5.31 30.47 -0.88
C ILE A 159 -3.99 30.02 -0.27
N LEU A 160 -3.96 28.78 0.22
CA LEU A 160 -2.83 28.22 0.96
C LEU A 160 -2.16 27.14 0.13
N LEU A 161 -0.92 27.39 -0.29
CA LEU A 161 -0.18 26.47 -1.14
C LEU A 161 0.69 25.56 -0.28
N ASP A 162 0.50 24.26 -0.44
CA ASP A 162 1.27 23.24 0.27
C ASP A 162 2.27 22.65 -0.71
N GLU A 163 3.56 22.95 -0.50
CA GLU A 163 4.71 22.50 -1.28
C GLU A 163 4.52 22.71 -2.78
N PRO A 164 4.56 23.96 -3.27
CA PRO A 164 4.22 24.17 -4.68
C PRO A 164 5.30 23.72 -5.64
N PHE A 165 6.58 23.85 -5.30
CA PHE A 165 7.63 23.52 -6.25
C PHE A 165 7.87 22.02 -6.30
N ALA A 166 8.36 21.44 -5.20
CA ALA A 166 8.22 20.02 -4.81
C ALA A 166 8.58 19.03 -5.91
N GLY A 167 9.83 19.10 -6.34
CA GLY A 167 10.31 18.13 -7.32
C GLY A 167 9.88 18.40 -8.74
N VAL A 168 10.05 19.63 -9.21
CA VAL A 168 9.91 19.96 -10.63
C VAL A 168 11.23 20.53 -11.11
N ASP A 169 11.38 20.53 -12.43
CA ASP A 169 12.62 20.98 -13.06
C ASP A 169 12.75 22.50 -12.95
N PRO A 170 13.99 23.02 -12.95
CA PRO A 170 14.17 24.49 -12.88
C PRO A 170 13.68 25.25 -14.09
N ILE A 171 13.28 24.59 -15.18
CA ILE A 171 12.60 25.26 -16.27
C ILE A 171 11.11 25.44 -15.98
N SER A 172 10.55 24.66 -15.05
CA SER A 172 9.14 24.76 -14.69
C SER A 172 8.92 25.47 -13.38
N VAL A 173 9.98 25.95 -12.73
CA VAL A 173 9.86 26.70 -11.49
C VAL A 173 9.45 28.12 -11.85
N ILE A 174 9.90 28.59 -13.02
CA ILE A 174 9.62 29.94 -13.49
C ILE A 174 8.15 30.08 -13.86
N ASP A 175 7.54 28.98 -14.30
CA ASP A 175 6.13 29.02 -14.66
C ASP A 175 5.22 29.07 -13.44
N ILE A 176 5.54 28.30 -12.40
CA ILE A 176 4.71 28.26 -11.21
C ILE A 176 5.11 29.34 -10.20
N LYS A 177 6.14 30.11 -10.50
CA LYS A 177 6.41 31.37 -9.83
C LYS A 177 5.69 32.53 -10.51
N ARG A 178 5.41 32.39 -11.81
CA ARG A 178 4.69 33.40 -12.56
C ARG A 178 3.22 33.44 -12.15
N ILE A 179 2.64 32.29 -11.82
CA ILE A 179 1.22 32.21 -11.45
C ILE A 179 1.00 32.32 -9.95
N ILE A 180 2.05 32.44 -9.15
CA ILE A 180 1.89 32.85 -7.76
C ILE A 180 1.88 34.37 -7.65
N GLU A 181 2.73 35.05 -8.40
CA GLU A 181 2.73 36.51 -8.40
C GLU A 181 1.52 37.09 -9.10
N HIS A 182 0.99 36.39 -10.12
CA HIS A 182 -0.27 36.81 -10.72
C HIS A 182 -1.43 36.56 -9.77
N LEU A 183 -1.33 35.53 -8.93
CA LEU A 183 -2.37 35.18 -7.98
C LEU A 183 -2.60 36.27 -6.94
N ARG A 184 -1.59 37.02 -6.55
CA ARG A 184 -1.77 38.10 -5.58
C ARG A 184 -1.95 39.46 -6.25
N ASP A 185 -1.79 39.55 -7.57
CA ASP A 185 -2.14 40.78 -8.27
C ASP A 185 -3.64 40.98 -8.37
N SER A 186 -4.42 39.92 -8.17
CA SER A 186 -5.86 39.99 -8.00
C SER A 186 -6.27 40.24 -6.56
N GLY A 187 -5.34 40.63 -5.69
CA GLY A 187 -5.66 40.95 -4.31
C GLY A 187 -5.95 39.73 -3.47
N LEU A 188 -4.93 38.90 -3.24
CA LEU A 188 -5.14 37.58 -2.66
C LEU A 188 -3.89 37.18 -1.89
N GLY A 189 -3.98 37.17 -0.56
CA GLY A 189 -2.83 36.76 0.25
C GLY A 189 -2.65 35.26 0.20
N VAL A 190 -1.41 34.81 0.01
CA VAL A 190 -1.10 33.41 -0.21
C VAL A 190 0.02 32.97 0.73
N LEU A 191 -0.15 31.79 1.34
CA LEU A 191 0.79 31.23 2.31
C LEU A 191 1.44 29.98 1.70
N ILE A 192 2.78 29.98 1.65
CA ILE A 192 3.57 28.90 1.07
C ILE A 192 4.36 28.23 2.19
N THR A 193 4.52 26.90 2.11
CA THR A 193 5.22 26.13 3.13
C THR A 193 6.20 25.12 2.53
N ASP A 194 6.83 25.46 1.40
CA ASP A 194 7.69 24.52 0.68
C ASP A 194 8.98 24.22 1.46
N HIS A 195 9.61 23.11 1.08
CA HIS A 195 10.90 22.72 1.62
C HIS A 195 12.07 23.33 0.85
N ASN A 196 11.96 23.44 -0.48
CA ASN A 196 13.01 23.97 -1.33
C ASN A 196 13.12 25.47 -1.05
N VAL A 197 13.93 25.83 -0.06
CA VAL A 197 14.04 27.21 0.38
C VAL A 197 15.12 27.90 -0.48
N ARG A 198 14.78 28.17 -1.74
CA ARG A 198 15.62 28.97 -2.61
C ARG A 198 14.73 29.85 -3.47
N GLU A 199 13.50 29.41 -3.66
CA GLU A 199 12.52 30.14 -4.46
C GLU A 199 11.34 30.62 -3.64
N THR A 200 11.03 29.92 -2.55
CA THR A 200 10.05 30.41 -1.60
C THR A 200 10.62 31.45 -0.67
N LEU A 201 11.92 31.76 -0.76
CA LEU A 201 12.45 33.04 -0.29
C LEU A 201 12.67 34.01 -1.45
N ALA A 202 12.51 33.58 -2.69
CA ALA A 202 12.62 34.47 -3.84
C ALA A 202 11.28 34.89 -4.40
N VAL A 203 10.19 34.25 -3.99
CA VAL A 203 8.86 34.67 -4.38
C VAL A 203 8.11 35.41 -3.27
N CYS A 204 8.51 35.25 -2.01
CA CYS A 204 7.77 35.76 -0.88
C CYS A 204 8.26 37.15 -0.50
N GLU A 205 7.56 37.77 0.44
CA GLU A 205 7.90 39.11 0.92
C GLU A 205 8.20 39.06 2.41
N ARG A 206 7.58 38.11 3.11
CA ARG A 206 7.88 37.80 4.49
C ARG A 206 7.98 36.29 4.64
N ALA A 207 8.70 35.86 5.67
CA ALA A 207 8.85 34.43 5.93
C ALA A 207 8.76 34.20 7.43
N TYR A 208 8.45 32.97 7.82
CA TYR A 208 8.02 32.64 9.17
C TYR A 208 8.78 31.40 9.65
N ILE A 209 10.10 31.49 9.67
CA ILE A 209 10.98 30.42 10.14
C ILE A 209 10.56 29.92 11.53
N VAL A 210 10.15 28.65 11.62
CA VAL A 210 9.93 27.99 12.90
C VAL A 210 10.91 26.84 13.02
N SER A 211 11.36 26.59 14.25
CA SER A 211 12.28 25.47 14.46
C SER A 211 12.02 24.90 15.85
N GLN A 212 11.44 23.71 15.88
CA GLN A 212 11.28 22.74 16.97
C GLN A 212 10.26 23.14 18.03
N GLY A 213 9.86 24.41 18.08
CA GLY A 213 8.54 24.67 18.62
C GLY A 213 7.85 25.96 18.25
N HIS A 214 8.55 26.91 17.62
CA HIS A 214 8.07 28.29 17.65
C HIS A 214 8.87 29.15 16.69
N LEU A 215 8.48 30.43 16.63
CA LEU A 215 9.06 31.39 15.70
C LEU A 215 10.48 31.76 16.07
N ILE A 216 11.27 32.09 15.05
CA ILE A 216 12.63 32.56 15.21
C ILE A 216 12.74 33.95 14.58
N ALA A 217 12.26 34.09 13.35
CA ALA A 217 12.31 35.35 12.64
C ALA A 217 11.05 35.52 11.80
N HIS A 218 10.62 36.77 11.61
CA HIS A 218 9.47 37.07 10.76
C HIS A 218 9.75 38.31 9.93
N GLY A 219 10.95 38.42 9.39
CA GLY A 219 11.34 39.57 8.60
C GLY A 219 11.23 39.31 7.11
N THR A 220 11.83 40.22 6.35
CA THR A 220 11.99 40.04 4.91
C THR A 220 13.03 38.95 4.64
N PRO A 221 13.06 38.39 3.42
CA PRO A 221 14.13 37.43 3.09
C PRO A 221 15.54 37.98 3.21
N THR A 222 15.76 39.26 2.92
CA THR A 222 17.09 39.83 3.15
C THR A 222 17.36 40.15 4.62
N GLU A 223 16.38 39.96 5.49
CA GLU A 223 16.54 40.14 6.93
C GLU A 223 16.82 38.82 7.65
N ILE A 224 16.50 37.69 7.03
CA ILE A 224 16.81 36.38 7.59
C ILE A 224 18.20 35.89 7.17
N LEU A 225 18.72 36.33 6.02
CA LEU A 225 20.08 35.96 5.65
C LEU A 225 21.10 36.67 6.53
N GLN A 226 20.81 37.92 6.92
CA GLN A 226 21.68 38.66 7.82
C GLN A 226 21.35 38.42 9.30
N ASP A 227 20.51 37.44 9.59
CA ASP A 227 20.21 37.01 10.96
C ASP A 227 21.37 36.14 11.46
N GLU A 228 21.26 35.66 12.69
CA GLU A 228 22.28 34.74 13.19
C GLU A 228 21.71 33.46 13.77
N HIS A 229 20.54 33.51 14.42
CA HIS A 229 20.00 32.34 15.11
C HIS A 229 19.34 31.37 14.13
N VAL A 230 18.84 31.86 13.00
CA VAL A 230 18.36 30.96 11.96
C VAL A 230 19.53 30.22 11.35
N LYS A 231 20.69 30.87 11.28
CA LYS A 231 21.88 30.35 10.63
C LYS A 231 22.59 29.26 11.43
N ARG A 232 22.04 28.81 12.56
CA ARG A 232 22.59 27.71 13.33
C ARG A 232 21.70 26.47 13.38
N VAL A 233 20.38 26.64 13.42
CA VAL A 233 19.46 25.52 13.42
C VAL A 233 18.98 25.18 12.00
N TYR A 234 19.31 26.01 11.02
CA TYR A 234 18.74 26.05 9.68
C TYR A 234 19.88 26.56 8.81
N LEU A 235 19.58 27.32 7.74
CA LEU A 235 20.31 27.48 6.48
C LEU A 235 21.82 27.18 6.48
N GLY A 236 22.55 27.67 7.46
CA GLY A 236 23.98 27.40 7.57
C GLY A 236 24.78 28.69 7.59
N GLU A 237 25.92 28.66 6.90
CA GLU A 237 26.77 29.85 6.82
C GLU A 237 27.08 30.25 5.38
N ASP A 238 26.36 29.70 4.40
CA ASP A 238 26.63 29.98 3.00
C ASP A 238 25.33 29.86 2.22
N PHE A 239 24.79 30.98 1.77
CA PHE A 239 23.53 30.94 1.05
C PHE A 239 23.50 31.84 -0.19
N ARG A 240 24.44 32.77 -0.33
CA ARG A 240 24.47 33.80 -1.38
C ARG A 240 24.41 33.29 -2.82
N ALA B 2 40.34 2.39 -10.60
CA ALA B 2 39.60 1.55 -11.53
C ALA B 2 38.77 2.42 -12.48
N THR B 3 38.20 1.81 -13.52
CA THR B 3 37.62 2.53 -14.66
C THR B 3 36.28 1.90 -15.08
N LEU B 4 35.30 1.87 -14.15
CA LEU B 4 33.95 1.46 -14.48
C LEU B 4 33.37 2.21 -15.67
N THR B 5 33.11 1.47 -16.76
CA THR B 5 32.64 2.03 -18.01
C THR B 5 31.32 1.38 -18.40
N ALA B 6 30.36 2.20 -18.81
CA ALA B 6 29.06 1.72 -19.28
C ALA B 6 28.89 2.22 -20.70
N LYS B 7 28.69 1.32 -21.65
CA LYS B 7 28.75 1.66 -23.07
C LYS B 7 27.46 1.26 -23.78
N ASN B 8 26.84 2.23 -24.46
CA ASN B 8 25.75 2.02 -25.43
C ASN B 8 24.52 1.38 -24.80
N LEU B 9 24.08 1.91 -23.67
CA LEU B 9 22.99 1.29 -22.92
C LEU B 9 21.64 1.66 -23.53
N ALA B 10 20.67 0.76 -23.36
CA ALA B 10 19.34 0.97 -23.93
C ALA B 10 18.30 0.24 -23.11
N LYS B 11 17.04 0.66 -23.28
CA LYS B 11 15.90 0.04 -22.63
C LYS B 11 14.64 0.42 -23.41
N ALA B 12 13.66 -0.46 -23.38
CA ALA B 12 12.35 -0.17 -23.96
C ALA B 12 11.28 -0.73 -23.03
N TYR B 13 10.47 0.16 -22.46
CA TYR B 13 9.34 -0.24 -21.62
C TYR B 13 8.09 -0.22 -22.50
N LYS B 14 7.66 -1.42 -22.92
CA LYS B 14 6.48 -1.63 -23.78
C LYS B 14 6.59 -0.87 -25.11
N GLY B 15 7.77 -0.94 -25.72
CA GLY B 15 7.99 -0.28 -26.99
C GLY B 15 8.50 1.14 -26.88
N ARG B 16 8.22 1.79 -25.75
CA ARG B 16 8.69 3.15 -25.53
C ARG B 16 10.18 3.17 -25.26
N ARG B 17 10.95 3.75 -26.18
CA ARG B 17 12.40 3.86 -26.02
C ARG B 17 12.69 4.90 -24.96
N VAL B 18 13.03 4.44 -23.76
CA VAL B 18 13.27 5.38 -22.66
C VAL B 18 14.71 5.86 -22.60
N VAL B 19 15.65 5.13 -23.21
CA VAL B 19 17.07 5.51 -23.22
C VAL B 19 17.74 4.83 -24.40
N GLU B 20 18.50 5.61 -25.18
CA GLU B 20 19.25 5.11 -26.32
C GLU B 20 20.64 5.72 -26.30
N ASP B 21 21.68 4.87 -26.26
CA ASP B 21 23.08 5.23 -26.47
C ASP B 21 23.57 6.27 -25.45
N VAL B 22 23.64 5.82 -24.20
CA VAL B 22 24.29 6.59 -23.15
C VAL B 22 25.59 5.90 -22.78
N SER B 23 26.70 6.64 -22.89
CA SER B 23 28.03 6.11 -22.59
C SER B 23 28.65 6.98 -21.52
N LEU B 24 28.90 6.41 -20.34
CA LEU B 24 29.50 7.14 -19.24
C LEU B 24 30.58 6.30 -18.58
N THR B 25 31.63 7.00 -18.14
CA THR B 25 32.72 6.39 -17.38
C THR B 25 32.89 7.14 -16.07
N VAL B 26 33.50 6.48 -15.09
CA VAL B 26 33.89 7.12 -13.84
C VAL B 26 35.17 6.42 -13.35
N ASN B 27 36.16 7.22 -12.99
CA ASN B 27 37.44 6.70 -12.51
C ASN B 27 37.51 6.77 -10.99
N SER B 28 38.55 6.15 -10.44
CA SER B 28 38.74 6.16 -9.00
C SER B 28 39.18 7.53 -8.52
N GLY B 29 38.52 8.02 -7.48
CA GLY B 29 38.81 9.34 -6.97
C GLY B 29 38.25 10.43 -7.86
N GLU B 30 36.96 10.35 -8.18
CA GLU B 30 36.34 11.31 -9.07
C GLU B 30 34.83 11.29 -8.83
N ILE B 31 34.30 12.42 -8.36
CA ILE B 31 32.84 12.57 -8.28
C ILE B 31 32.29 12.84 -9.67
N VAL B 32 31.30 12.05 -10.08
CA VAL B 32 30.65 12.20 -11.37
C VAL B 32 29.15 12.26 -11.14
N GLY B 33 28.49 13.23 -11.75
CA GLY B 33 27.05 13.33 -11.61
C GLY B 33 26.29 12.91 -12.84
N LEU B 34 25.06 12.46 -12.65
CA LEU B 34 24.17 12.07 -13.74
C LEU B 34 22.83 12.73 -13.51
N LEU B 35 22.53 13.79 -14.25
CA LEU B 35 21.33 14.57 -13.98
C LEU B 35 20.66 14.93 -15.31
N GLY B 36 19.62 15.75 -15.22
CA GLY B 36 18.73 15.98 -16.33
C GLY B 36 17.29 16.04 -15.86
N PRO B 37 16.36 16.26 -16.78
CA PRO B 37 14.93 16.29 -16.40
C PRO B 37 14.41 14.89 -16.09
N ASN B 38 13.16 14.86 -15.63
CA ASN B 38 12.56 13.60 -15.18
C ASN B 38 12.08 12.71 -16.32
N GLY B 39 12.20 13.15 -17.57
CA GLY B 39 11.96 12.28 -18.70
C GLY B 39 12.98 11.17 -18.71
N ALA B 40 12.49 9.92 -18.82
CA ALA B 40 12.94 8.77 -18.04
C ALA B 40 14.43 8.74 -17.72
N GLY B 41 15.27 8.71 -18.75
CA GLY B 41 16.61 9.28 -18.72
C GLY B 41 17.58 8.85 -17.64
N LYS B 42 17.76 9.75 -16.67
CA LYS B 42 18.82 9.61 -15.67
C LYS B 42 18.53 8.51 -14.66
N THR B 43 17.28 8.08 -14.53
CA THR B 43 16.93 7.08 -13.53
C THR B 43 17.09 5.65 -14.04
N THR B 44 16.64 5.36 -15.26
CA THR B 44 16.85 4.05 -15.85
C THR B 44 18.30 3.83 -16.25
N THR B 45 19.03 4.89 -16.59
CA THR B 45 20.47 4.76 -16.83
C THR B 45 21.21 4.48 -15.54
N PHE B 46 20.75 5.04 -14.42
CA PHE B 46 21.40 4.79 -13.14
C PHE B 46 21.12 3.38 -12.65
N TYR B 47 19.94 2.85 -12.93
CA TYR B 47 19.56 1.52 -12.46
C TYR B 47 20.04 0.41 -13.38
N MET B 48 20.81 0.74 -14.41
CA MET B 48 21.52 -0.27 -15.18
C MET B 48 22.93 -0.50 -14.64
N VAL B 49 23.59 0.58 -14.22
CA VAL B 49 24.91 0.45 -13.62
C VAL B 49 24.82 -0.21 -12.25
N VAL B 50 23.73 0.06 -11.53
CA VAL B 50 23.49 -0.62 -10.26
C VAL B 50 23.18 -2.10 -10.50
N GLY B 51 22.24 -2.38 -11.40
CA GLY B 51 21.91 -3.75 -11.76
C GLY B 51 20.50 -4.17 -11.41
N ILE B 52 19.66 -3.30 -10.85
CA ILE B 52 18.30 -3.65 -10.50
C ILE B 52 17.33 -3.42 -11.64
N VAL B 53 17.81 -2.93 -12.79
CA VAL B 53 17.03 -2.90 -14.02
C VAL B 53 17.88 -3.60 -15.08
N PRO B 54 17.40 -4.68 -15.69
CA PRO B 54 18.21 -5.35 -16.71
C PRO B 54 18.22 -4.56 -18.01
N ARG B 55 19.39 -4.49 -18.62
CA ARG B 55 19.54 -3.74 -19.86
C ARG B 55 18.92 -4.48 -21.02
N ASP B 56 18.64 -3.75 -22.10
CA ASP B 56 18.20 -4.35 -23.34
C ASP B 56 19.35 -4.56 -24.30
N ALA B 57 20.26 -3.58 -24.38
CA ALA B 57 21.49 -3.71 -25.17
C ALA B 57 22.51 -2.78 -24.55
N GLY B 58 23.71 -3.28 -24.32
CA GLY B 58 24.75 -2.46 -23.74
C GLY B 58 25.76 -3.33 -23.00
N ASN B 59 26.78 -2.66 -22.48
CA ASN B 59 27.89 -3.33 -21.80
C ASN B 59 28.26 -2.54 -20.55
N ILE B 60 28.30 -3.22 -19.41
CA ILE B 60 28.90 -2.69 -18.19
C ILE B 60 30.20 -3.43 -17.94
N ILE B 61 31.31 -2.70 -17.85
CA ILE B 61 32.60 -3.29 -17.50
C ILE B 61 33.17 -2.51 -16.33
N ILE B 62 33.65 -3.23 -15.32
CA ILE B 62 34.41 -2.61 -14.24
C ILE B 62 35.88 -2.95 -14.49
N ASP B 63 36.50 -2.11 -15.31
CA ASP B 63 37.91 -1.91 -15.66
C ASP B 63 38.58 -3.07 -16.40
N ASP B 64 38.04 -4.28 -16.32
CA ASP B 64 38.63 -5.44 -16.97
C ASP B 64 37.61 -6.41 -17.55
N ASP B 65 36.43 -6.46 -16.94
CA ASP B 65 35.58 -7.63 -17.14
C ASP B 65 34.12 -7.22 -17.24
N ASP B 66 33.40 -7.90 -18.12
CA ASP B 66 32.01 -7.59 -18.41
C ASP B 66 31.10 -8.13 -17.32
N ILE B 67 30.45 -7.23 -16.58
CA ILE B 67 29.53 -7.60 -15.53
C ILE B 67 28.09 -7.24 -15.89
N SER B 68 27.79 -7.13 -17.19
CA SER B 68 26.48 -6.64 -17.60
C SER B 68 25.38 -7.70 -17.47
N LEU B 69 25.74 -8.97 -17.34
CA LEU B 69 24.77 -10.05 -17.26
C LEU B 69 24.61 -10.59 -15.85
N LEU B 70 25.19 -9.94 -14.87
CA LEU B 70 25.29 -10.32 -13.47
C LEU B 70 24.23 -9.60 -12.64
N PRO B 71 23.71 -10.24 -11.58
CA PRO B 71 22.75 -9.55 -10.71
C PRO B 71 23.39 -8.52 -9.80
N LEU B 72 22.61 -7.93 -8.90
CA LEU B 72 23.14 -6.91 -8.01
C LEU B 72 24.10 -7.48 -6.97
N HIS B 73 23.83 -8.67 -6.45
CA HIS B 73 24.70 -9.26 -5.45
C HIS B 73 26.00 -9.80 -6.04
N ALA B 74 26.04 -10.04 -7.35
CA ALA B 74 27.28 -10.46 -8.00
C ALA B 74 28.14 -9.29 -8.41
N ARG B 75 27.52 -8.14 -8.74
CA ARG B 75 28.30 -6.93 -8.99
C ARG B 75 28.87 -6.37 -7.71
N ALA B 76 28.24 -6.63 -6.58
CA ALA B 76 28.72 -6.12 -5.30
C ALA B 76 29.96 -6.84 -4.80
N ARG B 77 30.22 -8.06 -5.29
CA ARG B 77 31.46 -8.75 -4.96
C ARG B 77 32.63 -8.21 -5.77
N ARG B 78 32.35 -7.61 -6.93
CA ARG B 78 33.36 -7.14 -7.86
C ARG B 78 33.52 -5.63 -7.85
N GLY B 79 33.49 -4.98 -6.69
CA GLY B 79 33.47 -3.53 -6.73
C GLY B 79 32.16 -2.91 -6.29
N ILE B 80 31.31 -2.62 -7.28
CA ILE B 80 30.14 -1.75 -7.28
C ILE B 80 29.27 -1.80 -6.02
N GLY B 81 29.04 -0.65 -5.41
CA GLY B 81 28.25 -0.57 -4.19
C GLY B 81 27.17 0.48 -4.30
N TYR B 82 25.99 0.14 -3.79
CA TYR B 82 24.77 0.92 -4.04
C TYR B 82 24.14 1.36 -2.72
N LEU B 83 23.65 2.59 -2.70
CA LEU B 83 22.89 3.13 -1.57
C LEU B 83 21.51 3.53 -2.05
N PRO B 84 20.45 2.92 -1.52
CA PRO B 84 19.09 3.33 -1.90
C PRO B 84 18.75 4.71 -1.37
N GLN B 85 17.74 5.32 -2.00
CA GLN B 85 17.36 6.70 -1.66
C GLN B 85 16.69 6.78 -0.30
N GLU B 86 15.76 5.86 -0.04
CA GLU B 86 14.98 5.87 1.18
C GLU B 86 15.81 5.29 2.34
N ALA B 87 15.18 5.14 3.51
CA ALA B 87 15.86 4.58 4.66
C ALA B 87 16.02 3.08 4.47
N SER B 88 17.27 2.62 4.46
CA SER B 88 17.56 1.21 4.21
C SER B 88 18.37 0.58 5.34
N ILE B 89 18.36 1.17 6.53
CA ILE B 89 19.07 0.58 7.65
C ILE B 89 18.30 -0.63 8.17
N PHE B 90 19.03 -1.61 8.69
CA PHE B 90 18.41 -2.83 9.21
C PHE B 90 17.65 -2.49 10.49
N ARG B 91 16.41 -2.97 10.61
CA ARG B 91 15.51 -2.32 11.55
C ARG B 91 15.77 -2.74 13.01
N ARG B 92 15.53 -3.98 13.36
CA ARG B 92 15.70 -4.36 14.77
C ARG B 92 17.08 -4.98 15.01
N LEU B 93 18.10 -4.25 14.56
CA LEU B 93 19.50 -4.64 14.72
C LEU B 93 20.28 -3.46 15.28
N SER B 94 21.27 -3.77 16.10
CA SER B 94 22.15 -2.75 16.66
C SER B 94 23.02 -2.14 15.56
N VAL B 95 23.54 -0.95 15.84
CA VAL B 95 24.36 -0.26 14.85
C VAL B 95 25.69 -0.95 14.67
N TYR B 96 26.28 -1.47 15.75
CA TYR B 96 27.43 -2.34 15.62
C TYR B 96 27.06 -3.68 15.00
N ASP B 97 25.83 -4.15 15.20
CA ASP B 97 25.42 -5.43 14.65
C ASP B 97 25.17 -5.38 13.15
N ASN B 98 24.58 -4.29 12.64
CA ASN B 98 24.34 -4.19 11.21
C ASN B 98 25.52 -3.60 10.46
N LEU B 99 26.58 -3.23 11.17
CA LEU B 99 27.88 -3.03 10.56
C LEU B 99 28.67 -4.33 10.46
N MET B 100 28.51 -5.21 11.44
CA MET B 100 29.16 -6.52 11.46
C MET B 100 28.47 -7.53 10.56
N ALA B 101 27.17 -7.32 10.27
CA ALA B 101 26.41 -8.29 9.48
C ALA B 101 26.87 -8.36 8.03
N VAL B 102 27.34 -7.24 7.49
CA VAL B 102 27.91 -7.23 6.14
C VAL B 102 29.42 -7.30 6.15
N LEU B 103 30.03 -7.20 7.33
CA LEU B 103 31.46 -7.40 7.51
C LEU B 103 31.80 -8.86 7.72
N GLN B 104 30.81 -9.69 7.99
CA GLN B 104 30.95 -11.12 8.20
C GLN B 104 30.99 -11.91 6.89
N ILE B 105 30.52 -11.31 5.80
CA ILE B 105 30.47 -12.01 4.51
C ILE B 105 31.80 -11.94 3.76
N ARG B 106 32.70 -11.06 4.16
CA ARG B 106 33.99 -10.91 3.49
C ARG B 106 34.92 -12.03 3.93
N ASP B 107 35.24 -12.93 3.01
CA ASP B 107 36.05 -14.10 3.30
C ASP B 107 37.55 -13.84 3.22
N ASP B 108 37.96 -12.65 2.75
CA ASP B 108 39.37 -12.30 2.70
C ASP B 108 39.85 -11.64 4.01
N LEU B 109 39.11 -11.83 5.09
CA LEU B 109 39.49 -11.36 6.41
C LEU B 109 39.47 -12.52 7.40
N SER B 110 40.16 -12.35 8.52
CA SER B 110 40.07 -13.28 9.63
C SER B 110 39.20 -12.66 10.72
N ALA B 111 38.69 -13.52 11.61
CA ALA B 111 37.62 -13.13 12.53
C ALA B 111 38.04 -12.09 13.55
N GLU B 112 39.35 -11.88 13.75
CA GLU B 112 39.83 -10.75 14.53
C GLU B 112 39.93 -9.48 13.69
N GLN B 113 40.18 -9.62 12.38
CA GLN B 113 40.22 -8.46 11.49
C GLN B 113 38.83 -7.92 11.18
N ARG B 114 37.78 -8.70 11.42
CA ARG B 114 36.42 -8.17 11.34
C ARG B 114 36.15 -7.17 12.45
N GLU B 115 36.63 -7.47 13.67
CA GLU B 115 36.43 -6.57 14.80
C GLU B 115 37.30 -5.33 14.71
N ASP B 116 38.50 -5.45 14.14
CA ASP B 116 39.37 -4.29 13.98
C ASP B 116 38.82 -3.34 12.92
N ARG B 117 38.23 -3.88 11.85
CA ARG B 117 37.66 -3.06 10.80
C ARG B 117 36.36 -2.40 11.25
N ALA B 118 35.58 -3.06 12.10
CA ALA B 118 34.35 -2.45 12.59
C ALA B 118 34.62 -1.28 13.51
N ASN B 119 35.61 -1.40 14.40
CA ASN B 119 35.98 -0.28 15.25
C ASN B 119 36.75 0.79 14.50
N GLU B 120 37.29 0.45 13.32
CA GLU B 120 37.90 1.46 12.47
C GLU B 120 36.85 2.25 11.70
N LEU B 121 35.67 1.67 11.47
CA LEU B 121 34.63 2.33 10.70
C LEU B 121 33.71 3.19 11.55
N MET B 122 33.61 2.92 12.85
CA MET B 122 32.84 3.80 13.72
C MET B 122 33.58 5.11 13.97
N GLU B 123 34.88 5.04 14.21
CA GLU B 123 35.68 6.22 14.49
C GLU B 123 35.96 7.04 13.24
N GLU B 124 35.88 6.41 12.06
CA GLU B 124 36.03 7.14 10.81
C GLU B 124 34.81 8.00 10.53
N PHE B 125 33.62 7.56 10.97
CA PHE B 125 32.37 8.24 10.67
C PHE B 125 31.69 8.83 11.89
N HIS B 126 32.36 8.83 13.05
CA HIS B 126 31.87 9.37 14.32
C HIS B 126 30.54 8.71 14.73
N ILE B 127 30.62 7.39 14.89
CA ILE B 127 29.47 6.56 15.22
C ILE B 127 29.64 5.84 16.55
N GLU B 128 30.89 5.65 17.01
CA GLU B 128 31.30 4.81 18.14
C GLU B 128 30.60 5.14 19.46
N HIS B 129 29.94 6.28 19.59
CA HIS B 129 29.07 6.54 20.72
C HIS B 129 27.69 5.92 20.55
N LEU B 130 27.43 5.28 19.41
CA LEU B 130 26.21 4.51 19.17
C LEU B 130 26.64 3.14 18.65
N ARG B 131 26.95 2.22 19.56
CA ARG B 131 27.23 0.85 19.18
C ARG B 131 26.28 -0.15 19.81
N ASP B 132 25.71 0.17 20.98
CA ASP B 132 24.65 -0.63 21.56
C ASP B 132 23.27 -0.11 21.21
N SER B 133 23.16 1.17 20.86
CA SER B 133 21.89 1.75 20.44
C SER B 133 21.54 1.26 19.05
N MET B 134 20.43 0.55 18.95
CA MET B 134 19.93 0.19 17.63
C MET B 134 19.32 1.41 16.96
N GLY B 135 18.98 1.26 15.68
CA GLY B 135 18.16 2.25 15.00
C GLY B 135 16.76 2.46 15.58
N GLN B 136 16.01 3.39 14.93
CA GLN B 136 14.72 4.05 15.27
C GLN B 136 14.79 4.80 16.59
N SER B 137 15.97 4.85 17.22
CA SER B 137 16.45 5.91 18.05
C SER B 137 17.49 6.76 17.31
N LEU B 138 17.60 6.58 16.01
CA LEU B 138 18.58 7.30 15.17
C LEU B 138 17.85 8.38 14.38
N SER B 139 18.46 9.54 14.26
CA SER B 139 17.85 10.66 13.56
C SER B 139 18.05 10.50 12.05
N GLY B 140 17.72 11.55 11.29
CA GLY B 140 17.92 11.50 9.86
C GLY B 140 19.37 11.63 9.44
N GLY B 141 20.17 12.36 10.21
CA GLY B 141 21.57 12.56 9.88
C GLY B 141 22.47 11.49 10.43
N GLU B 142 22.00 10.79 11.46
CA GLU B 142 22.80 9.73 12.07
C GLU B 142 22.46 8.37 11.47
N ARG B 143 21.28 8.21 10.88
CA ARG B 143 20.99 7.01 10.10
C ARG B 143 21.81 7.00 8.82
N ARG B 144 22.06 8.18 8.25
CA ARG B 144 22.78 8.28 6.98
C ARG B 144 24.24 7.90 7.12
N ARG B 145 24.89 8.24 8.24
CA ARG B 145 26.28 7.86 8.42
C ARG B 145 26.46 6.36 8.63
N VAL B 146 25.46 5.68 9.21
CA VAL B 146 25.55 4.23 9.41
C VAL B 146 25.41 3.51 8.08
N GLU B 147 24.61 4.04 7.16
CA GLU B 147 24.44 3.41 5.85
C GLU B 147 25.68 3.56 4.98
N ILE B 148 26.41 4.65 5.11
CA ILE B 148 27.66 4.80 4.37
C ILE B 148 28.78 4.04 5.05
N ALA B 149 28.73 3.89 6.38
CA ALA B 149 29.77 3.15 7.08
C ALA B 149 29.68 1.65 6.81
N ARG B 150 28.48 1.14 6.53
CA ARG B 150 28.30 -0.28 6.26
C ARG B 150 28.27 -0.60 4.77
N ALA B 151 28.11 0.40 3.91
CA ALA B 151 28.40 0.19 2.50
C ALA B 151 29.90 0.19 2.25
N LEU B 152 30.66 0.80 3.15
CA LEU B 152 32.12 0.76 3.11
C LEU B 152 32.69 -0.46 3.79
N ALA B 153 31.88 -1.18 4.57
CA ALA B 153 32.30 -2.44 5.18
C ALA B 153 32.34 -3.58 4.16
N ALA B 154 31.65 -3.43 3.03
CA ALA B 154 31.69 -4.42 1.96
C ALA B 154 32.90 -4.29 1.06
N ASN B 155 33.80 -3.35 1.37
CA ASN B 155 35.00 -2.97 0.61
C ASN B 155 34.71 -2.69 -0.86
N PRO B 156 34.06 -1.58 -1.19
CA PRO B 156 33.73 -1.32 -2.59
C PRO B 156 34.73 -0.42 -3.30
N LYS B 157 34.78 -0.60 -4.60
CA LYS B 157 35.10 0.49 -5.51
C LYS B 157 33.79 0.99 -6.09
N PHE B 158 33.74 2.28 -6.38
CA PHE B 158 32.58 2.95 -6.99
C PHE B 158 31.29 2.84 -6.18
N ILE B 159 31.24 3.47 -5.02
CA ILE B 159 29.96 3.71 -4.37
C ILE B 159 29.15 4.67 -5.23
N LEU B 160 27.98 4.24 -5.67
CA LEU B 160 27.12 5.11 -6.48
C LEU B 160 25.83 5.37 -5.71
N LEU B 161 25.58 6.65 -5.41
CA LEU B 161 24.52 7.08 -4.52
C LEU B 161 23.29 7.50 -5.32
N ASP B 162 22.12 7.20 -4.77
CA ASP B 162 20.84 7.52 -5.40
C ASP B 162 20.13 8.54 -4.53
N GLU B 163 20.10 9.79 -5.00
CA GLU B 163 19.47 10.96 -4.38
C GLU B 163 19.88 11.15 -2.93
N PRO B 164 21.12 11.56 -2.67
CA PRO B 164 21.61 11.59 -1.28
C PRO B 164 21.17 12.84 -0.52
N PHE B 165 20.44 13.73 -1.17
CA PHE B 165 19.92 14.91 -0.52
C PHE B 165 18.44 14.77 -0.19
N ALA B 166 17.59 14.55 -1.21
CA ALA B 166 16.25 13.94 -1.10
C ALA B 166 15.30 14.66 -0.13
N GLY B 167 15.62 15.88 0.25
CA GLY B 167 14.90 16.60 1.27
C GLY B 167 15.64 16.55 2.59
N VAL B 168 16.49 17.55 2.80
CA VAL B 168 17.22 17.82 4.03
C VAL B 168 17.39 19.33 4.10
N ASP B 169 17.46 19.87 5.31
CA ASP B 169 17.63 21.30 5.48
C ASP B 169 19.06 21.71 5.10
N PRO B 170 19.28 22.95 4.66
CA PRO B 170 20.58 23.32 4.07
C PRO B 170 21.77 23.35 5.02
N ILE B 171 21.59 23.12 6.32
CA ILE B 171 22.75 22.89 7.16
C ILE B 171 23.17 21.42 7.12
N SER B 172 22.31 20.55 6.61
CA SER B 172 22.61 19.13 6.50
C SER B 172 23.07 18.74 5.10
N VAL B 173 23.22 19.68 4.18
CA VAL B 173 23.93 19.41 2.93
C VAL B 173 25.41 19.71 3.05
N ILE B 174 25.82 20.42 4.09
CA ILE B 174 27.24 20.60 4.35
C ILE B 174 27.87 19.30 4.79
N ASP B 175 27.14 18.51 5.60
CA ASP B 175 27.67 17.28 6.15
C ASP B 175 27.55 16.09 5.22
N ILE B 176 26.58 16.07 4.30
CA ILE B 176 26.57 15.03 3.28
C ILE B 176 27.69 15.25 2.27
N LYS B 177 27.90 16.49 1.86
CA LYS B 177 28.98 16.80 0.92
C LYS B 177 30.35 16.73 1.57
N ARG B 178 30.44 16.64 2.89
CA ARG B 178 31.72 16.42 3.53
C ARG B 178 32.12 14.95 3.47
N ILE B 179 31.16 14.05 3.65
CA ILE B 179 31.46 12.62 3.57
C ILE B 179 31.35 12.07 2.15
N ILE B 180 30.89 12.86 1.19
CA ILE B 180 31.03 12.47 -0.20
C ILE B 180 32.43 12.79 -0.70
N GLU B 181 32.94 13.98 -0.37
CA GLU B 181 34.32 14.33 -0.70
C GLU B 181 35.35 13.59 0.15
N HIS B 182 34.92 12.90 1.21
CA HIS B 182 35.81 12.03 1.96
C HIS B 182 35.97 10.67 1.29
N LEU B 183 34.94 10.20 0.58
CA LEU B 183 35.07 8.97 -0.18
C LEU B 183 35.97 9.14 -1.40
N ARG B 184 35.99 10.36 -1.98
CA ARG B 184 36.89 10.63 -3.10
C ARG B 184 38.34 10.66 -2.64
N ASP B 185 38.59 11.08 -1.41
CA ASP B 185 39.94 11.08 -0.84
C ASP B 185 40.36 9.71 -0.32
N SER B 186 39.53 8.68 -0.49
CA SER B 186 39.90 7.30 -0.19
C SER B 186 40.00 6.45 -1.45
N GLY B 187 39.93 7.08 -2.63
CA GLY B 187 40.04 6.35 -3.87
C GLY B 187 38.78 5.60 -4.27
N LEU B 188 37.64 6.29 -4.27
CA LEU B 188 36.36 5.71 -4.65
C LEU B 188 35.70 6.60 -5.68
N GLY B 189 35.23 6.01 -6.77
CA GLY B 189 34.58 6.78 -7.81
C GLY B 189 33.09 6.93 -7.62
N VAL B 190 32.67 8.07 -7.13
CA VAL B 190 31.29 8.29 -6.73
C VAL B 190 30.45 8.70 -7.93
N LEU B 191 29.28 8.07 -8.10
CA LEU B 191 28.33 8.42 -9.15
C LEU B 191 27.01 8.83 -8.50
N ILE B 192 26.60 10.08 -8.71
CA ILE B 192 25.41 10.65 -8.07
C ILE B 192 24.35 10.94 -9.11
N THR B 193 23.08 10.65 -8.76
CA THR B 193 21.92 11.19 -9.45
C THR B 193 20.95 11.71 -8.40
N ASP B 194 20.27 12.82 -8.70
CA ASP B 194 19.18 13.36 -7.89
C ASP B 194 18.43 14.44 -8.66
N HIS B 195 17.60 15.18 -7.94
CA HIS B 195 16.86 16.31 -8.47
C HIS B 195 17.59 17.63 -8.24
N ASN B 196 18.28 17.75 -7.11
CA ASN B 196 18.91 19.00 -6.70
C ASN B 196 20.11 19.29 -7.60
N VAL B 197 19.97 20.30 -8.45
CA VAL B 197 21.03 20.63 -9.39
C VAL B 197 22.09 21.49 -8.72
N ARG B 198 21.68 22.41 -7.85
CA ARG B 198 22.58 23.41 -7.29
C ARG B 198 23.60 22.82 -6.32
N GLU B 199 23.32 21.63 -5.77
CA GLU B 199 24.20 21.04 -4.78
C GLU B 199 25.03 19.88 -5.32
N THR B 200 24.73 19.36 -6.50
CA THR B 200 25.62 18.38 -7.12
C THR B 200 26.59 19.01 -8.09
N LEU B 201 26.19 20.07 -8.80
CA LEU B 201 27.16 20.79 -9.61
C LEU B 201 28.14 21.60 -8.77
N ALA B 202 27.92 21.70 -7.46
CA ALA B 202 28.93 22.20 -6.53
C ALA B 202 29.87 21.11 -6.03
N VAL B 203 29.46 19.84 -6.11
CA VAL B 203 30.29 18.76 -5.59
C VAL B 203 30.89 17.88 -6.69
N CYS B 204 30.30 17.85 -7.88
CA CYS B 204 30.83 16.99 -8.92
C CYS B 204 31.99 17.65 -9.65
N GLU B 205 32.90 16.81 -10.14
CA GLU B 205 34.00 17.27 -10.99
C GLU B 205 33.61 17.32 -12.45
N ARG B 206 32.72 16.43 -12.87
CA ARG B 206 32.10 16.49 -14.19
C ARG B 206 30.72 15.85 -14.07
N ALA B 207 29.89 16.10 -15.07
CA ALA B 207 28.50 15.65 -15.00
C ALA B 207 28.00 15.30 -16.39
N TYR B 208 27.20 14.24 -16.45
CA TYR B 208 26.51 13.85 -17.67
C TYR B 208 25.07 14.32 -17.58
N ILE B 209 24.59 14.97 -18.63
CA ILE B 209 23.19 15.39 -18.70
C ILE B 209 22.52 14.55 -19.78
N VAL B 210 21.62 13.67 -19.37
CA VAL B 210 20.86 12.82 -20.27
C VAL B 210 19.41 13.26 -20.22
N SER B 211 18.88 13.65 -21.38
CA SER B 211 17.53 14.17 -21.50
C SER B 211 16.88 13.61 -22.76
N GLN B 212 15.64 13.12 -22.59
CA GLN B 212 14.81 12.60 -23.69
C GLN B 212 15.47 11.45 -24.44
N GLY B 213 15.85 10.42 -23.69
CA GLY B 213 16.55 9.32 -24.32
C GLY B 213 18.05 9.44 -24.23
N HIS B 214 18.66 10.03 -25.27
CA HIS B 214 20.10 10.01 -25.43
C HIS B 214 20.78 11.07 -24.57
N LEU B 215 22.11 10.98 -24.52
CA LEU B 215 22.95 11.90 -23.77
C LEU B 215 23.11 13.19 -24.56
N ILE B 216 22.80 14.32 -23.92
CA ILE B 216 22.82 15.60 -24.63
C ILE B 216 24.06 16.44 -24.36
N ALA B 217 24.75 16.23 -23.24
CA ALA B 217 25.98 16.96 -22.93
C ALA B 217 26.75 16.26 -21.82
N HIS B 218 28.05 16.55 -21.77
CA HIS B 218 28.87 16.20 -20.63
C HIS B 218 30.02 17.20 -20.53
N GLY B 219 30.62 17.26 -19.36
CA GLY B 219 31.73 18.17 -19.13
C GLY B 219 31.78 18.62 -17.69
N THR B 220 32.75 19.48 -17.41
CA THR B 220 32.89 20.08 -16.11
C THR B 220 31.69 21.01 -15.84
N PRO B 221 31.29 21.17 -14.57
CA PRO B 221 30.07 21.97 -14.28
C PRO B 221 30.16 23.44 -14.66
N THR B 222 31.36 23.97 -14.93
CA THR B 222 31.45 25.33 -15.46
C THR B 222 30.94 25.39 -16.89
N GLU B 223 31.45 24.50 -17.75
CA GLU B 223 31.07 24.50 -19.16
C GLU B 223 29.72 23.83 -19.41
N ILE B 224 29.13 23.19 -18.39
CA ILE B 224 27.76 22.75 -18.48
C ILE B 224 26.82 23.96 -18.44
N LEU B 225 27.10 24.91 -17.55
CA LEU B 225 26.25 26.08 -17.39
C LEU B 225 26.31 27.00 -18.60
N GLN B 226 27.42 27.02 -19.32
CA GLN B 226 27.54 27.86 -20.50
C GLN B 226 27.04 27.18 -21.76
N ASP B 227 26.55 25.94 -21.66
CA ASP B 227 26.04 25.22 -22.81
C ASP B 227 24.65 25.75 -23.17
N GLU B 228 24.34 25.76 -24.46
CA GLU B 228 23.08 26.32 -24.94
C GLU B 228 22.01 25.27 -25.22
N HIS B 229 22.39 24.08 -25.67
CA HIS B 229 21.40 23.04 -25.91
C HIS B 229 20.84 22.47 -24.61
N VAL B 230 21.66 22.43 -23.55
CA VAL B 230 21.14 22.10 -22.23
C VAL B 230 20.15 23.15 -21.78
N LYS B 231 20.51 24.43 -21.97
CA LYS B 231 19.83 25.61 -21.42
C LYS B 231 18.37 25.73 -21.81
N ARG B 232 17.93 25.08 -22.88
CA ARG B 232 16.55 25.14 -23.34
C ARG B 232 15.64 24.14 -22.64
N VAL B 233 16.05 22.87 -22.57
CA VAL B 233 15.22 21.82 -21.99
C VAL B 233 15.36 21.73 -20.48
N TYR B 234 16.26 22.54 -19.89
CA TYR B 234 16.77 22.33 -18.55
C TYR B 234 17.58 23.58 -18.18
N LEU B 235 17.50 24.07 -16.94
CA LEU B 235 18.32 25.19 -16.44
C LEU B 235 18.16 26.46 -17.29
N GLY B 236 16.97 27.06 -17.22
CA GLY B 236 16.72 28.27 -18.00
C GLY B 236 17.61 29.43 -17.61
N GLU B 237 17.60 29.81 -16.33
CA GLU B 237 18.39 30.92 -15.80
C GLU B 237 19.02 30.54 -14.46
N ASP B 238 19.73 29.40 -14.44
CA ASP B 238 20.16 28.71 -13.22
C ASP B 238 20.98 29.58 -12.26
N PHE B 239 22.21 29.94 -12.66
CA PHE B 239 22.99 31.05 -12.08
C PHE B 239 24.22 31.29 -12.94
N MET C 1 -0.19 -5.80 -14.90
CA MET C 1 1.11 -5.55 -14.32
C MET C 1 2.20 -6.19 -15.17
N SER C 2 1.81 -7.21 -15.92
CA SER C 2 2.65 -7.91 -16.90
C SER C 2 1.71 -8.65 -17.83
N LYS C 3 2.30 -9.35 -18.80
CA LYS C 3 1.51 -10.23 -19.66
C LYS C 3 1.57 -11.68 -19.23
N ALA C 4 2.66 -12.10 -18.57
CA ALA C 4 2.79 -13.45 -18.06
C ALA C 4 2.45 -13.57 -16.59
N ARG C 5 2.56 -12.49 -15.82
CA ARG C 5 2.14 -12.51 -14.43
C ARG C 5 0.63 -12.38 -14.30
N ARG C 6 0.00 -11.60 -15.19
CA ARG C 6 -1.44 -11.50 -15.22
C ARG C 6 -2.08 -12.82 -15.65
N TRP C 7 -1.52 -13.48 -16.65
CA TRP C 7 -2.09 -14.72 -17.17
C TRP C 7 -1.80 -15.94 -16.30
N VAL C 8 -1.08 -15.77 -15.20
CA VAL C 8 -0.98 -16.80 -14.17
C VAL C 8 -2.15 -16.72 -13.21
N ILE C 9 -2.45 -15.51 -12.72
CA ILE C 9 -3.54 -15.31 -11.76
C ILE C 9 -4.90 -15.61 -12.38
N ILE C 10 -5.01 -15.46 -13.71
CA ILE C 10 -6.24 -15.88 -14.38
C ILE C 10 -6.33 -17.41 -14.43
N VAL C 11 -5.22 -18.06 -14.77
CA VAL C 11 -5.23 -19.51 -14.96
C VAL C 11 -5.21 -20.24 -13.62
N LEU C 12 -4.41 -19.76 -12.66
CA LEU C 12 -4.27 -20.44 -11.38
C LEU C 12 -5.53 -20.32 -10.52
N SER C 13 -6.23 -19.20 -10.60
CA SER C 13 -7.48 -19.05 -9.86
C SER C 13 -8.66 -19.65 -10.58
N LEU C 14 -8.52 -19.99 -11.87
CA LEU C 14 -9.53 -20.77 -12.55
C LEU C 14 -9.50 -22.23 -12.11
N ALA C 15 -8.33 -22.75 -11.76
CA ALA C 15 -8.18 -24.11 -11.26
C ALA C 15 -8.56 -24.23 -9.79
N VAL C 16 -8.56 -23.13 -9.05
CA VAL C 16 -9.06 -23.16 -7.67
C VAL C 16 -10.59 -23.26 -7.67
N LEU C 17 -11.25 -22.54 -8.58
CA LEU C 17 -12.72 -22.60 -8.64
C LEU C 17 -13.21 -23.94 -9.15
N VAL C 18 -12.45 -24.60 -10.01
CA VAL C 18 -12.79 -25.96 -10.43
C VAL C 18 -12.61 -26.93 -9.27
N MET C 19 -11.53 -26.80 -8.52
CA MET C 19 -11.26 -27.68 -7.40
C MET C 19 -12.16 -27.41 -6.20
N ILE C 20 -12.77 -26.22 -6.07
CA ILE C 20 -13.81 -26.04 -5.06
C ILE C 20 -15.08 -26.77 -5.51
N GLY C 21 -15.36 -26.77 -6.81
CA GLY C 21 -16.54 -27.47 -7.29
C GLY C 21 -16.39 -28.98 -7.30
N ILE C 22 -15.16 -29.47 -7.12
CA ILE C 22 -14.96 -30.92 -7.08
C ILE C 22 -15.37 -31.49 -5.73
N ASN C 23 -14.84 -30.94 -4.64
CA ASN C 23 -15.15 -31.46 -3.31
C ASN C 23 -16.17 -30.54 -2.62
N MET C 24 -17.43 -30.72 -2.98
CA MET C 24 -18.52 -29.99 -2.33
C MET C 24 -19.57 -30.95 -1.78
N ILE D 2 24.49 -13.61 11.77
CA ILE D 2 23.87 -12.39 12.29
C ILE D 2 22.70 -12.01 11.41
N ILE D 3 22.90 -12.05 10.09
CA ILE D 3 21.82 -11.72 9.18
C ILE D 3 20.87 -12.90 8.98
N ILE D 4 21.27 -14.11 9.37
CA ILE D 4 20.36 -15.26 9.36
C ILE D 4 19.58 -15.33 10.66
N ARG D 5 20.24 -15.05 11.79
CA ARG D 5 19.54 -14.96 13.07
C ARG D 5 18.59 -13.77 13.13
N TYR D 6 18.82 -12.75 12.32
CA TYR D 6 17.90 -11.62 12.25
C TYR D 6 16.64 -11.97 11.48
N LEU D 7 16.77 -12.72 10.37
CA LEU D 7 15.62 -13.11 9.58
C LEU D 7 14.77 -14.16 10.27
N VAL D 8 15.36 -14.94 11.17
CA VAL D 8 14.61 -16.00 11.86
C VAL D 8 13.85 -15.41 13.04
N ARG D 9 14.52 -14.57 13.83
CA ARG D 9 13.91 -13.89 14.97
C ARG D 9 12.81 -12.93 14.56
N GLU D 10 12.87 -12.40 13.34
CA GLU D 10 11.85 -11.48 12.85
C GLU D 10 10.63 -12.19 12.27
N THR D 11 10.82 -13.36 11.67
CA THR D 11 9.70 -14.12 11.17
C THR D 11 9.00 -14.89 12.29
N LEU D 12 9.76 -15.33 13.30
CA LEU D 12 9.19 -16.06 14.42
C LEU D 12 8.25 -15.20 15.25
N LYS D 13 8.50 -13.89 15.33
CA LYS D 13 7.56 -12.99 15.98
C LYS D 13 6.32 -12.76 15.14
N SER D 14 6.43 -12.86 13.82
CA SER D 14 5.28 -12.77 12.94
C SER D 14 4.59 -14.12 12.75
N GLN D 15 5.27 -15.23 13.03
CA GLN D 15 4.67 -16.55 12.89
C GLN D 15 3.84 -16.93 14.11
N LEU D 16 4.25 -16.49 15.29
CA LEU D 16 3.49 -16.70 16.51
C LEU D 16 2.36 -15.70 16.68
N ALA D 17 2.31 -14.66 15.86
CA ALA D 17 1.17 -13.75 15.84
C ALA D 17 0.10 -14.17 14.84
N ILE D 18 0.47 -14.93 13.82
CA ILE D 18 -0.53 -15.54 12.95
C ILE D 18 -1.19 -16.71 13.67
N LEU D 19 -0.40 -17.51 14.40
CA LEU D 19 -0.89 -18.69 15.14
C LEU D 19 -1.88 -18.35 16.26
N PHE D 20 -2.00 -17.08 16.64
CA PHE D 20 -3.02 -16.66 17.59
C PHE D 20 -4.25 -16.08 16.90
N ILE D 21 -4.06 -15.36 15.80
CA ILE D 21 -5.20 -14.85 15.03
C ILE D 21 -5.91 -15.99 14.32
N LEU D 22 -5.15 -16.87 13.68
CA LEU D 22 -5.69 -18.00 12.94
C LEU D 22 -6.27 -19.08 13.85
N LEU D 23 -5.90 -19.08 15.13
CA LEU D 23 -6.50 -20.00 16.08
C LEU D 23 -7.92 -19.58 16.44
N LEU D 24 -8.18 -18.27 16.55
CA LEU D 24 -9.52 -17.79 16.84
C LEU D 24 -10.43 -17.88 15.62
N ILE D 25 -9.86 -17.70 14.42
CA ILE D 25 -10.61 -17.87 13.18
C ILE D 25 -11.05 -19.32 13.02
N PHE D 26 -10.19 -20.27 13.38
CA PHE D 26 -10.55 -21.68 13.34
C PHE D 26 -11.38 -22.12 14.53
N PHE D 27 -11.33 -21.39 15.64
CA PHE D 27 -12.22 -21.70 16.76
C PHE D 27 -13.65 -21.31 16.45
N CYS D 28 -13.85 -20.17 15.78
CA CYS D 28 -15.21 -19.71 15.47
C CYS D 28 -15.85 -20.55 14.39
N GLN D 29 -15.06 -21.03 13.42
CA GLN D 29 -15.57 -22.01 12.45
C GLN D 29 -15.88 -23.34 13.11
N LYS D 30 -15.16 -23.68 14.17
CA LYS D 30 -15.50 -24.82 15.02
C LYS D 30 -16.63 -24.50 15.98
N LEU D 31 -17.01 -23.22 16.13
CA LEU D 31 -18.16 -22.88 16.97
C LEU D 31 -19.42 -22.62 16.16
N VAL D 32 -19.29 -22.16 14.91
CA VAL D 32 -20.43 -22.01 14.03
C VAL D 32 -21.07 -23.36 13.71
N ARG D 33 -20.25 -24.39 13.51
CA ARG D 33 -20.77 -25.69 13.12
C ARG D 33 -21.40 -26.46 14.26
N ILE D 34 -20.68 -26.60 15.39
CA ILE D 34 -21.06 -27.59 16.40
C ILE D 34 -22.25 -27.14 17.24
N LEU D 35 -22.68 -25.88 17.09
CA LEU D 35 -24.01 -25.54 17.57
C LEU D 35 -25.08 -26.21 16.73
N GLY D 36 -24.91 -26.17 15.41
CA GLY D 36 -25.85 -26.76 14.46
C GLY D 36 -25.95 -28.27 14.52
N ALA D 37 -25.02 -28.94 15.18
CA ALA D 37 -25.13 -30.36 15.47
C ALA D 37 -25.51 -30.62 16.92
N ALA D 38 -25.60 -29.57 17.73
CA ALA D 38 -26.08 -29.69 19.10
C ALA D 38 -27.34 -28.86 19.37
N VAL D 39 -27.87 -28.14 18.38
CA VAL D 39 -29.13 -27.44 18.57
C VAL D 39 -30.31 -28.32 18.14
N ASP D 40 -30.09 -29.27 17.24
CA ASP D 40 -31.07 -30.31 16.92
C ASP D 40 -30.43 -31.69 17.03
N GLY D 41 -29.42 -31.82 17.89
CA GLY D 41 -28.71 -33.07 18.10
C GLY D 41 -28.51 -33.37 19.58
N ASP D 42 -27.25 -33.56 19.98
CA ASP D 42 -26.92 -33.83 21.37
C ASP D 42 -27.09 -32.56 22.22
N ILE D 43 -26.97 -32.73 23.53
CA ILE D 43 -27.20 -31.60 24.43
C ILE D 43 -25.93 -30.76 24.52
N PRO D 44 -26.04 -29.42 24.43
CA PRO D 44 -24.88 -28.54 24.60
C PRO D 44 -24.72 -28.00 26.02
N ALA D 45 -24.68 -28.90 27.01
CA ALA D 45 -24.59 -28.49 28.40
C ALA D 45 -23.32 -28.93 29.11
N ASN D 46 -22.79 -30.11 28.79
CA ASN D 46 -21.57 -30.61 29.39
C ASN D 46 -20.43 -30.80 28.38
N LEU D 47 -20.70 -30.77 27.08
CA LEU D 47 -19.72 -31.12 26.07
C LEU D 47 -19.24 -29.94 25.23
N VAL D 48 -20.02 -28.85 25.17
CA VAL D 48 -19.80 -27.78 24.20
C VAL D 48 -18.50 -27.02 24.45
N LEU D 49 -17.93 -27.11 25.65
CA LEU D 49 -16.64 -26.50 25.94
C LEU D 49 -15.48 -27.47 25.86
N SER D 50 -15.75 -28.78 25.95
CA SER D 50 -14.71 -29.79 25.84
C SER D 50 -14.63 -30.41 24.45
N LEU D 51 -15.76 -30.46 23.73
CA LEU D 51 -15.71 -30.88 22.33
C LEU D 51 -15.03 -29.82 21.47
N LEU D 52 -15.08 -28.56 21.91
CA LEU D 52 -14.35 -27.49 21.23
C LEU D 52 -12.85 -27.64 21.45
N GLY D 53 -12.43 -27.91 22.67
CA GLY D 53 -11.02 -27.99 23.04
C GLY D 53 -10.34 -29.30 22.75
N LEU D 54 -11.07 -30.32 22.31
CA LEU D 54 -10.48 -31.60 21.94
C LEU D 54 -10.37 -31.79 20.44
N GLY D 55 -10.86 -30.84 19.65
CA GLY D 55 -10.71 -30.92 18.20
C GLY D 55 -9.61 -29.99 17.72
N VAL D 56 -8.80 -29.53 18.67
CA VAL D 56 -7.67 -28.62 18.42
C VAL D 56 -6.50 -29.34 17.71
N PRO D 57 -6.04 -30.53 18.08
CA PRO D 57 -4.96 -31.15 17.29
C PRO D 57 -5.35 -31.64 15.91
N GLU D 58 -6.63 -31.60 15.55
CA GLU D 58 -7.02 -31.77 14.16
C GLU D 58 -6.91 -30.46 13.38
N MET D 59 -7.32 -29.34 13.99
CA MET D 59 -7.23 -28.05 13.33
C MET D 59 -5.82 -27.46 13.36
N ALA D 60 -4.94 -27.99 14.20
CA ALA D 60 -3.54 -27.58 14.18
C ALA D 60 -2.74 -28.30 13.10
N GLN D 61 -3.35 -29.26 12.40
CA GLN D 61 -2.72 -29.87 11.24
C GLN D 61 -2.69 -28.94 10.05
N LEU D 62 -3.60 -27.96 10.01
CA LEU D 62 -3.73 -27.07 8.86
C LEU D 62 -3.20 -25.67 9.11
N ILE D 63 -3.02 -25.27 10.37
CA ILE D 63 -2.54 -23.94 10.70
C ILE D 63 -1.07 -23.93 11.05
N LEU D 64 -0.44 -25.08 11.21
CA LEU D 64 1.01 -25.11 11.39
C LEU D 64 1.76 -24.95 10.07
N PRO D 65 1.35 -25.57 8.94
CA PRO D 65 1.98 -25.15 7.67
C PRO D 65 1.51 -23.79 7.18
N LEU D 66 0.32 -23.33 7.58
CA LEU D 66 -0.20 -22.08 7.07
C LEU D 66 0.43 -20.88 7.76
N SER D 67 0.76 -20.98 9.05
CA SER D 67 1.34 -19.85 9.75
C SER D 67 2.79 -19.59 9.37
N LEU D 68 3.54 -20.62 8.99
CA LEU D 68 4.89 -20.43 8.47
C LEU D 68 4.88 -19.91 7.04
N PHE D 69 3.92 -20.36 6.25
CA PHE D 69 3.69 -19.80 4.92
C PHE D 69 3.36 -18.32 5.02
N LEU D 70 2.30 -17.99 5.76
CA LEU D 70 1.83 -16.62 5.87
C LEU D 70 2.77 -15.74 6.68
N GLY D 71 3.47 -16.30 7.66
CA GLY D 71 4.44 -15.53 8.43
C GLY D 71 5.67 -15.14 7.66
N LEU D 72 6.01 -15.88 6.61
CA LEU D 72 7.13 -15.51 5.75
C LEU D 72 6.70 -14.55 4.65
N LEU D 73 5.43 -14.55 4.26
CA LEU D 73 4.93 -13.54 3.35
C LEU D 73 4.84 -12.19 4.04
N MET D 74 4.52 -12.19 5.33
CA MET D 74 4.47 -10.93 6.08
C MET D 74 5.87 -10.37 6.31
N THR D 75 6.82 -11.22 6.68
CA THR D 75 8.13 -10.74 7.10
C THR D 75 9.04 -10.42 5.92
N LEU D 76 9.10 -11.28 4.90
CA LEU D 76 9.90 -10.97 3.73
C LEU D 76 9.27 -9.86 2.90
N GLY D 77 7.94 -9.79 2.87
CA GLY D 77 7.28 -8.72 2.15
C GLY D 77 7.45 -7.36 2.81
N LYS D 78 7.65 -7.33 4.12
CA LYS D 78 7.93 -6.08 4.82
C LYS D 78 9.32 -5.56 4.53
N LEU D 79 10.33 -6.42 4.54
CA LEU D 79 11.71 -6.01 4.29
C LEU D 79 11.98 -5.67 2.83
N TYR D 80 11.11 -6.09 1.91
CA TYR D 80 11.24 -5.65 0.53
C TYR D 80 10.78 -4.21 0.36
N THR D 81 9.65 -3.85 1.00
CA THR D 81 9.15 -2.49 0.94
C THR D 81 9.98 -1.52 1.76
N GLU D 82 10.61 -1.99 2.83
CA GLU D 82 11.47 -1.16 3.65
C GLU D 82 12.90 -1.08 3.14
N SER D 83 13.17 -1.64 1.95
CA SER D 83 14.46 -1.61 1.25
C SER D 83 15.58 -2.24 2.07
N GLU D 84 15.27 -3.28 2.85
CA GLU D 84 16.29 -3.98 3.62
C GLU D 84 16.86 -5.19 2.90
N ILE D 85 16.15 -5.73 1.91
CA ILE D 85 16.65 -6.87 1.17
C ILE D 85 17.44 -6.41 -0.06
N THR D 86 17.03 -5.31 -0.68
CA THR D 86 17.80 -4.72 -1.77
C THR D 86 19.17 -4.23 -1.29
N VAL D 87 19.23 -3.64 -0.09
CA VAL D 87 20.52 -3.20 0.45
C VAL D 87 21.29 -4.37 1.04
N MET D 88 20.63 -5.52 1.23
CA MET D 88 21.33 -6.73 1.64
C MET D 88 22.07 -7.34 0.47
N HIS D 89 21.48 -7.30 -0.73
CA HIS D 89 22.19 -7.71 -1.93
C HIS D 89 23.23 -6.69 -2.35
N ALA D 90 23.01 -5.41 -1.99
CA ALA D 90 23.91 -4.35 -2.44
C ALA D 90 25.25 -4.39 -1.70
N CYS D 91 25.25 -4.89 -0.46
CA CYS D 91 26.49 -5.16 0.26
C CYS D 91 27.11 -6.48 -0.15
N GLY D 92 26.33 -7.36 -0.76
CA GLY D 92 26.83 -8.54 -1.42
C GLY D 92 26.64 -9.81 -0.61
N LEU D 93 25.52 -10.48 -0.86
CA LEU D 93 25.17 -11.79 -0.32
C LEU D 93 23.94 -12.26 -1.07
N SER D 94 23.91 -13.52 -1.47
CA SER D 94 22.92 -14.00 -2.42
C SER D 94 21.56 -14.20 -1.75
N LYS D 95 20.62 -14.74 -2.53
CA LYS D 95 19.32 -15.12 -1.99
C LYS D 95 19.36 -16.45 -1.26
N ALA D 96 20.52 -17.12 -1.23
CA ALA D 96 20.67 -18.34 -0.46
C ALA D 96 20.64 -18.08 1.04
N VAL D 97 20.92 -16.85 1.47
CA VAL D 97 20.72 -16.48 2.87
C VAL D 97 19.23 -16.49 3.22
N LEU D 98 18.38 -16.09 2.28
CA LEU D 98 16.94 -16.14 2.48
C LEU D 98 16.42 -17.57 2.49
N VAL D 99 17.06 -18.47 1.74
CA VAL D 99 16.66 -19.87 1.73
C VAL D 99 17.24 -20.62 2.92
N LYS D 100 18.45 -20.29 3.35
CA LYS D 100 19.01 -20.91 4.54
C LYS D 100 18.35 -20.44 5.82
N ALA D 101 17.65 -19.31 5.79
CA ALA D 101 16.87 -18.86 6.94
C ALA D 101 15.44 -19.34 6.91
N ALA D 102 14.95 -19.81 5.76
CA ALA D 102 13.60 -20.35 5.68
C ALA D 102 13.57 -21.82 6.10
N MET D 103 14.58 -22.59 5.68
CA MET D 103 14.62 -24.02 6.00
C MET D 103 15.13 -24.29 7.41
N ILE D 104 15.86 -23.35 8.02
CA ILE D 104 16.21 -23.46 9.42
C ILE D 104 15.05 -23.05 10.32
N LEU D 105 13.99 -22.50 9.74
CA LEU D 105 12.76 -22.15 10.43
C LEU D 105 11.63 -23.12 10.14
N ALA D 106 11.65 -23.80 8.99
CA ALA D 106 10.71 -24.87 8.72
C ALA D 106 11.02 -26.12 9.53
N VAL D 107 12.27 -26.26 9.99
CA VAL D 107 12.62 -27.39 10.85
C VAL D 107 11.98 -27.21 12.23
N PHE D 108 11.90 -25.96 12.71
CA PHE D 108 11.24 -25.69 13.99
C PHE D 108 9.75 -25.97 13.93
N THR D 109 9.13 -25.81 12.77
CA THR D 109 7.71 -26.08 12.61
C THR D 109 7.41 -27.53 12.29
N ALA D 110 8.27 -28.19 11.53
CA ALA D 110 8.05 -29.58 11.16
C ALA D 110 8.46 -30.57 12.24
N ILE D 111 8.90 -30.11 13.41
CA ILE D 111 9.02 -30.96 14.59
C ILE D 111 7.98 -30.63 15.64
N VAL D 112 7.15 -29.61 15.40
CA VAL D 112 5.89 -29.46 16.12
C VAL D 112 4.76 -30.13 15.35
N ALA D 113 4.81 -30.05 14.03
CA ALA D 113 3.85 -30.73 13.16
C ALA D 113 4.19 -32.20 12.95
N ALA D 114 5.27 -32.70 13.55
CA ALA D 114 5.51 -34.12 13.63
C ALA D 114 5.28 -34.67 15.04
N VAL D 115 5.26 -33.81 16.05
CA VAL D 115 4.76 -34.21 17.36
C VAL D 115 3.24 -34.20 17.35
N ASN D 116 2.62 -33.26 16.64
CA ASN D 116 1.18 -33.19 16.55
C ASN D 116 0.57 -34.31 15.71
N VAL D 117 1.32 -34.87 14.75
CA VAL D 117 0.72 -35.81 13.80
C VAL D 117 0.74 -37.25 14.31
N MET D 118 1.57 -37.56 15.31
CA MET D 118 1.59 -38.88 15.92
C MET D 118 1.69 -38.72 17.43
N TRP D 119 0.88 -39.50 18.15
CA TRP D 119 0.70 -39.46 19.62
C TRP D 119 0.48 -38.06 20.20
N ALA D 120 -0.09 -37.14 19.42
CA ALA D 120 -0.78 -35.99 19.98
C ALA D 120 -2.05 -35.74 19.18
N GLY D 121 -2.13 -36.37 18.02
CA GLY D 121 -3.29 -36.30 17.15
C GLY D 121 -4.22 -37.49 17.33
N PRO D 122 -3.69 -38.72 17.27
CA PRO D 122 -4.52 -39.87 17.67
C PRO D 122 -4.95 -39.87 19.14
N TRP D 123 -4.29 -39.11 20.01
CA TRP D 123 -4.72 -39.06 21.40
C TRP D 123 -6.05 -38.31 21.53
N SER D 124 -6.22 -37.22 20.78
CA SER D 124 -7.42 -36.41 20.86
C SER D 124 -8.56 -36.97 20.03
N SER D 125 -8.40 -38.14 19.44
CA SER D 125 -9.50 -38.90 18.89
C SER D 125 -9.76 -40.20 19.65
N ARG D 126 -8.82 -40.63 20.48
CA ARG D 126 -9.03 -41.68 21.46
C ARG D 126 -9.55 -41.12 22.79
N HIS D 127 -9.87 -39.83 22.82
CA HIS D 127 -10.46 -39.17 23.98
C HIS D 127 -11.72 -38.38 23.64
N GLN D 128 -11.89 -37.92 22.41
CA GLN D 128 -13.08 -37.17 22.00
C GLN D 128 -14.22 -38.11 21.60
N ASP D 129 -13.92 -39.34 21.23
CA ASP D 129 -14.95 -40.29 20.81
C ASP D 129 -15.36 -41.24 21.93
N GLU D 130 -14.75 -41.13 23.10
CA GLU D 130 -15.19 -41.89 24.26
C GLU D 130 -16.16 -41.12 25.16
N VAL D 131 -16.13 -39.78 25.10
CA VAL D 131 -17.06 -38.98 25.89
C VAL D 131 -18.47 -38.94 25.31
N LEU D 132 -18.70 -39.58 24.16
CA LEU D 132 -20.03 -39.80 23.63
C LEU D 132 -20.67 -41.06 24.21
N ALA D 133 -20.08 -41.67 25.22
CA ALA D 133 -20.62 -42.86 25.87
C ALA D 133 -20.77 -42.63 27.37
N ASP D 247 -13.07 -50.22 13.64
CA ASP D 247 -12.40 -50.88 12.54
C ASP D 247 -11.82 -49.87 11.56
N GLN D 248 -12.67 -49.36 10.67
CA GLN D 248 -12.24 -48.37 9.68
C GLN D 248 -12.51 -46.96 10.20
N MET D 249 -11.61 -46.53 11.10
CA MET D 249 -11.66 -45.19 11.67
C MET D 249 -10.50 -44.33 11.18
N ASP D 250 -9.26 -44.80 11.38
CA ASP D 250 -8.02 -44.14 10.95
C ASP D 250 -7.88 -42.71 11.49
N MET D 251 -8.34 -42.50 12.71
CA MET D 251 -8.07 -41.24 13.40
C MET D 251 -7.48 -41.45 14.77
N ARG D 252 -7.51 -42.67 15.31
CA ARG D 252 -6.93 -43.00 16.60
C ARG D 252 -5.73 -43.92 16.51
N THR D 253 -5.48 -44.54 15.36
CA THR D 253 -4.31 -45.40 15.22
C THR D 253 -3.04 -44.55 15.15
N LEU D 254 -2.00 -45.01 15.83
CA LEU D 254 -0.71 -44.34 15.73
C LEU D 254 0.00 -44.80 14.45
N TRP D 255 1.24 -44.33 14.27
CA TRP D 255 1.89 -44.46 12.97
C TRP D 255 2.38 -45.87 12.69
N ASN D 256 2.72 -46.64 13.73
CA ASN D 256 3.18 -48.01 13.51
C ASN D 256 2.02 -48.95 13.22
N THR D 257 0.88 -48.77 13.91
CA THR D 257 -0.29 -49.60 13.67
C THR D 257 -1.14 -49.09 12.53
N ASP D 258 -0.65 -48.14 11.75
CA ASP D 258 -1.31 -47.69 10.54
C ASP D 258 -0.84 -48.49 9.33
N THR D 259 -0.15 -49.60 9.55
CA THR D 259 0.23 -50.55 8.51
C THR D 259 -0.81 -51.66 8.38
N ASP D 260 -2.06 -51.22 8.24
CA ASP D 260 -3.17 -52.09 7.85
C ASP D 260 -3.25 -52.11 6.33
N ARG D 261 -4.35 -52.62 5.78
CA ARG D 261 -4.69 -52.44 4.38
C ARG D 261 -5.97 -51.64 4.31
N ALA D 262 -6.41 -51.34 3.07
CA ALA D 262 -7.76 -50.89 2.77
C ALA D 262 -8.16 -49.59 3.45
N ARG D 263 -7.71 -48.44 2.89
CA ARG D 263 -7.93 -47.04 3.32
C ARG D 263 -7.03 -46.65 4.48
N ALA D 264 -5.86 -47.26 4.60
CA ALA D 264 -4.86 -46.80 5.56
C ALA D 264 -4.26 -45.51 5.04
N GLU D 265 -4.71 -44.38 5.57
CA GLU D 265 -4.31 -43.06 5.10
C GLU D 265 -3.23 -42.50 6.02
N LEU D 266 -2.03 -43.00 5.86
CA LEU D 266 -0.86 -42.37 6.43
C LEU D 266 -0.16 -41.46 5.43
N ASN D 267 -0.57 -41.51 4.16
CA ASN D 267 -0.03 -40.63 3.13
C ASN D 267 -0.48 -39.20 3.28
N TRP D 268 -1.57 -38.95 4.02
CA TRP D 268 -1.97 -37.60 4.36
C TRP D 268 -1.40 -37.16 5.70
N ARG D 269 -0.84 -38.08 6.48
CA ARG D 269 -0.14 -37.71 7.70
C ARG D 269 1.35 -37.49 7.47
N ILE D 270 1.89 -37.97 6.36
CA ILE D 270 3.27 -37.67 5.98
C ILE D 270 3.34 -36.39 5.15
N THR D 271 2.36 -36.16 4.27
CA THR D 271 2.37 -34.99 3.41
C THR D 271 2.02 -33.70 4.15
N LEU D 272 1.61 -33.77 5.41
CA LEU D 272 1.46 -32.59 6.24
C LEU D 272 2.76 -32.18 6.91
N VAL D 273 3.81 -32.99 6.77
CA VAL D 273 5.13 -32.63 7.24
C VAL D 273 6.07 -32.25 6.09
N VAL D 274 5.93 -32.89 4.93
CA VAL D 274 6.69 -32.49 3.75
C VAL D 274 6.21 -31.13 3.24
N THR D 275 4.94 -30.78 3.49
CA THR D 275 4.44 -29.49 3.05
C THR D 275 4.94 -28.33 3.90
N VAL D 276 5.59 -28.60 5.03
CA VAL D 276 6.25 -27.53 5.77
C VAL D 276 7.55 -27.13 5.08
N PHE D 277 8.18 -28.05 4.35
CA PHE D 277 9.44 -27.76 3.68
C PHE D 277 9.27 -27.25 2.26
N MET D 278 8.34 -27.78 1.50
CA MET D 278 8.15 -27.32 0.14
C MET D 278 7.34 -26.03 0.05
N MET D 279 6.61 -25.66 1.10
CA MET D 279 5.97 -24.35 1.17
C MET D 279 6.81 -23.32 1.90
N ALA D 280 8.01 -23.68 2.35
CA ALA D 280 8.99 -22.71 2.79
C ALA D 280 10.03 -22.40 1.73
N LEU D 281 10.12 -23.24 0.70
CA LEU D 281 10.95 -22.98 -0.46
C LEU D 281 10.26 -22.11 -1.49
N MET D 282 8.93 -22.17 -1.57
CA MET D 282 8.21 -21.43 -2.60
C MET D 282 7.96 -19.97 -2.21
N VAL D 283 8.07 -19.62 -0.93
CA VAL D 283 7.74 -18.27 -0.52
C VAL D 283 8.94 -17.33 -0.55
N VAL D 284 10.15 -17.84 -0.65
CA VAL D 284 11.30 -16.95 -0.82
C VAL D 284 11.40 -16.33 -2.23
N PRO D 285 11.00 -16.95 -3.35
CA PRO D 285 10.90 -16.15 -4.57
C PRO D 285 9.52 -15.61 -4.90
N LEU D 286 8.50 -15.88 -4.10
CA LEU D 286 7.16 -15.40 -4.36
C LEU D 286 6.73 -14.31 -3.38
N SER D 287 7.64 -13.82 -2.55
CA SER D 287 7.39 -12.69 -1.66
C SER D 287 8.15 -11.46 -2.12
N VAL D 288 8.38 -11.36 -3.42
CA VAL D 288 9.01 -10.18 -4.01
C VAL D 288 7.93 -9.15 -4.26
N VAL D 289 7.96 -8.05 -3.52
CA VAL D 289 6.94 -7.02 -3.61
C VAL D 289 7.27 -6.08 -4.75
N ASN D 290 6.35 -5.96 -5.70
CA ASN D 290 6.45 -4.94 -6.72
C ASN D 290 5.72 -3.69 -6.26
N PRO D 291 6.37 -2.52 -6.26
CA PRO D 291 5.71 -1.31 -5.75
C PRO D 291 4.57 -0.81 -6.64
N ARG D 292 4.51 -1.23 -7.90
CA ARG D 292 3.44 -0.79 -8.78
C ARG D 292 2.16 -1.56 -8.54
N GLN D 293 2.27 -2.88 -8.35
CA GLN D 293 1.09 -3.69 -8.08
C GLN D 293 0.55 -3.41 -6.69
N GLY D 294 1.44 -3.29 -5.72
CA GLY D 294 1.08 -3.16 -4.34
C GLY D 294 1.74 -4.26 -3.56
N ARG D 295 1.21 -4.49 -2.37
CA ARG D 295 1.80 -5.44 -1.45
C ARG D 295 0.85 -6.59 -1.11
N VAL D 296 -0.45 -6.43 -1.37
CA VAL D 296 -1.39 -7.53 -1.27
C VAL D 296 -1.64 -8.19 -2.62
N LEU D 297 -1.56 -7.43 -3.73
CA LEU D 297 -1.65 -7.99 -5.07
C LEU D 297 -0.47 -8.90 -5.40
N SER D 298 0.66 -8.74 -4.69
CA SER D 298 1.82 -9.59 -4.87
C SER D 298 1.74 -10.92 -4.14
N MET D 299 0.81 -11.07 -3.19
CA MET D 299 0.58 -12.34 -2.52
C MET D 299 -0.33 -13.27 -3.32
N LEU D 300 -0.91 -12.80 -4.42
CA LEU D 300 -1.93 -13.59 -5.09
C LEU D 300 -1.41 -14.83 -5.82
N PRO D 301 -0.26 -14.84 -6.49
CA PRO D 301 0.26 -16.14 -6.97
C PRO D 301 0.77 -17.04 -5.87
N ALA D 302 1.00 -16.53 -4.67
CA ALA D 302 1.44 -17.38 -3.57
C ALA D 302 0.25 -17.98 -2.83
N MET D 303 -0.75 -17.17 -2.49
CA MET D 303 -1.88 -17.64 -1.71
C MET D 303 -2.81 -18.54 -2.51
N LEU D 304 -2.88 -18.36 -3.83
CA LEU D 304 -3.64 -19.27 -4.67
C LEU D 304 -2.92 -20.59 -4.89
N LEU D 305 -1.59 -20.59 -4.79
CA LEU D 305 -0.81 -21.80 -5.00
C LEU D 305 -0.82 -22.70 -3.78
N TYR D 306 -0.87 -22.11 -2.58
CA TYR D 306 -1.03 -22.89 -1.36
C TYR D 306 -2.45 -23.43 -1.24
N LEU D 307 -3.43 -22.64 -1.67
CA LEU D 307 -4.82 -23.07 -1.58
C LEU D 307 -5.14 -24.17 -2.60
N LEU D 308 -4.50 -24.11 -3.77
CA LEU D 308 -4.68 -25.17 -4.76
C LEU D 308 -4.03 -26.48 -4.30
N PHE D 309 -2.97 -26.40 -3.49
CA PHE D 309 -2.37 -27.60 -2.95
C PHE D 309 -3.27 -28.33 -1.98
N PHE D 310 -4.03 -27.61 -1.17
CA PHE D 310 -4.89 -28.26 -0.18
C PHE D 310 -6.26 -28.65 -0.73
N LEU D 311 -6.65 -28.14 -1.89
CA LEU D 311 -7.87 -28.61 -2.53
C LEU D 311 -7.63 -29.86 -3.37
N ILE D 312 -6.40 -30.13 -3.75
CA ILE D 312 -6.08 -31.35 -4.48
C ILE D 312 -5.82 -32.51 -3.53
N GLN D 313 -5.05 -32.29 -2.46
CA GLN D 313 -4.76 -33.36 -1.51
C GLN D 313 -5.96 -33.76 -0.66
N THR D 314 -6.92 -32.86 -0.46
CA THR D 314 -8.13 -33.24 0.26
C THR D 314 -9.04 -34.10 -0.60
N SER D 315 -9.14 -33.78 -1.90
CA SER D 315 -9.91 -34.57 -2.85
C SER D 315 -9.10 -35.71 -3.45
N LEU D 316 -8.03 -36.14 -2.79
CA LEU D 316 -7.30 -37.34 -3.17
C LEU D 316 -7.27 -38.27 -1.96
N LYS D 317 -7.37 -37.68 -0.78
CA LYS D 317 -7.47 -38.48 0.44
C LYS D 317 -8.86 -39.09 0.57
N SER D 318 -9.90 -38.30 0.32
CA SER D 318 -11.26 -38.82 0.41
C SER D 318 -11.65 -39.60 -0.83
N ASN D 319 -11.29 -39.10 -2.01
CA ASN D 319 -11.56 -39.82 -3.26
C ASN D 319 -10.75 -41.09 -3.37
N GLY D 320 -9.56 -41.12 -2.79
CA GLY D 320 -8.78 -42.34 -2.69
C GLY D 320 -9.15 -43.19 -1.50
N GLY D 321 -10.15 -42.79 -0.72
CA GLY D 321 -10.62 -43.59 0.37
C GLY D 321 -11.69 -44.58 -0.05
N LYS D 322 -12.37 -44.28 -1.16
CA LYS D 322 -13.36 -45.20 -1.69
C LYS D 322 -12.70 -46.31 -2.50
N GLY D 323 -11.58 -46.00 -3.17
CA GLY D 323 -10.91 -46.98 -3.99
C GLY D 323 -10.94 -46.61 -5.46
N LYS D 324 -11.10 -45.32 -5.74
CA LYS D 324 -11.17 -44.86 -7.12
C LYS D 324 -9.79 -44.64 -7.72
N LEU D 325 -8.81 -44.24 -6.89
CA LEU D 325 -7.44 -44.02 -7.34
C LEU D 325 -6.56 -44.08 -6.10
N ASP D 326 -5.44 -44.81 -6.19
CA ASP D 326 -4.66 -45.08 -4.98
C ASP D 326 -3.86 -43.86 -4.57
N PRO D 327 -3.84 -43.52 -3.27
CA PRO D 327 -3.17 -42.29 -2.81
C PRO D 327 -1.69 -42.50 -2.49
N THR D 328 -0.98 -43.17 -3.39
CA THR D 328 0.47 -43.22 -3.36
C THR D 328 1.06 -42.73 -4.67
N LEU D 329 0.48 -43.13 -5.79
CA LEU D 329 0.89 -42.58 -7.08
C LEU D 329 0.44 -41.12 -7.21
N TRP D 330 -0.82 -40.85 -6.95
CA TRP D 330 -1.38 -39.53 -7.23
C TRP D 330 -1.22 -38.55 -6.09
N MET D 331 -0.92 -39.00 -4.88
CA MET D 331 -0.68 -38.08 -3.78
C MET D 331 0.76 -37.60 -3.72
N TRP D 332 1.71 -38.38 -4.25
CA TRP D 332 3.09 -37.96 -4.30
C TRP D 332 3.52 -37.45 -5.66
N THR D 333 2.67 -37.56 -6.67
CA THR D 333 2.91 -36.83 -7.92
C THR D 333 2.71 -35.34 -7.72
N VAL D 334 1.65 -34.96 -6.98
CA VAL D 334 1.41 -33.57 -6.65
C VAL D 334 2.48 -33.04 -5.71
N ASN D 335 2.99 -33.87 -4.80
CA ASN D 335 4.05 -33.45 -3.90
C ASN D 335 5.38 -33.28 -4.62
N LEU D 336 5.58 -33.98 -5.75
CA LEU D 336 6.82 -33.87 -6.51
C LEU D 336 6.73 -32.88 -7.65
N ILE D 337 5.54 -32.61 -8.17
CA ILE D 337 5.35 -31.52 -9.11
C ILE D 337 5.56 -30.18 -8.40
N TYR D 338 5.05 -30.06 -7.19
CA TYR D 338 5.20 -28.83 -6.41
C TYR D 338 6.57 -28.67 -5.80
N LEU D 339 7.29 -29.76 -5.54
CA LEU D 339 8.68 -29.64 -5.09
C LEU D 339 9.59 -29.25 -6.24
N ALA D 340 9.34 -29.78 -7.45
CA ALA D 340 10.08 -29.36 -8.61
C ALA D 340 9.72 -27.95 -9.04
N LEU D 341 8.52 -27.48 -8.69
CA LEU D 341 8.17 -26.09 -8.93
C LEU D 341 8.90 -25.17 -7.95
N ALA D 342 9.17 -25.64 -6.74
CA ALA D 342 9.90 -24.87 -5.75
C ALA D 342 11.37 -24.67 -6.11
N ILE D 343 11.93 -25.52 -6.97
CA ILE D 343 13.34 -25.46 -7.30
C ILE D 343 13.62 -24.63 -8.54
N VAL D 344 12.82 -24.76 -9.59
CA VAL D 344 12.97 -23.91 -10.77
C VAL D 344 12.67 -22.45 -10.44
N LEU D 345 11.77 -22.19 -9.49
CA LEU D 345 11.53 -20.83 -9.05
C LEU D 345 12.71 -20.27 -8.26
N ASN D 346 13.40 -21.12 -7.51
CA ASN D 346 14.54 -20.69 -6.71
C ASN D 346 15.84 -20.60 -7.50
N LEU D 347 15.93 -21.27 -8.65
CA LEU D 347 17.12 -21.25 -9.48
C LEU D 347 16.83 -20.62 -10.84
N TRP D 348 16.01 -19.58 -10.85
CA TRP D 348 15.63 -18.94 -12.10
C TRP D 348 16.71 -18.01 -12.64
N ASP D 349 17.64 -17.55 -11.79
CA ASP D 349 18.66 -16.59 -12.20
C ASP D 349 19.88 -17.35 -12.73
N THR D 350 19.83 -17.65 -14.02
CA THR D 350 20.91 -18.36 -14.73
C THR D 350 20.78 -18.03 -16.22
N VAL D 351 21.44 -18.82 -17.05
CA VAL D 351 21.34 -18.71 -18.51
C VAL D 351 19.93 -19.16 -18.93
N PRO D 352 19.43 -18.74 -20.09
CA PRO D 352 18.10 -19.19 -20.51
C PRO D 352 18.07 -20.67 -20.86
N VAL D 353 16.96 -21.31 -20.48
CA VAL D 353 16.72 -22.71 -20.80
C VAL D 353 15.35 -22.85 -21.44
N VAL E 6 -21.83 18.86 -12.50
CA VAL E 6 -22.31 18.32 -11.24
C VAL E 6 -21.38 17.18 -10.84
N LEU E 7 -21.08 17.11 -9.54
CA LEU E 7 -20.30 16.00 -9.00
C LEU E 7 -21.01 15.25 -7.90
N ASP E 8 -22.26 15.59 -7.59
CA ASP E 8 -23.15 14.63 -6.96
C ASP E 8 -23.43 13.46 -7.89
N ARG E 9 -23.42 13.72 -9.20
CA ARG E 9 -23.59 12.69 -10.22
C ARG E 9 -22.25 12.13 -10.70
N TYR E 10 -21.19 12.32 -9.95
CA TYR E 10 -19.86 11.80 -10.25
C TYR E 10 -19.34 10.92 -9.14
N ILE E 11 -19.66 11.25 -7.88
CA ILE E 11 -19.50 10.30 -6.79
C ILE E 11 -20.41 9.10 -7.00
N GLY E 12 -21.66 9.35 -7.40
CA GLY E 12 -22.59 8.28 -7.64
C GLY E 12 -22.31 7.46 -8.88
N LYS E 13 -21.73 8.08 -9.91
CA LYS E 13 -21.38 7.34 -11.11
C LYS E 13 -20.15 6.46 -10.88
N THR E 14 -19.21 6.93 -10.06
CA THR E 14 -18.03 6.14 -9.75
C THR E 14 -18.38 4.95 -8.86
N ILE E 15 -19.32 5.13 -7.93
CA ILE E 15 -19.73 4.05 -7.04
C ILE E 15 -20.50 2.99 -7.80
N PHE E 16 -21.52 3.42 -8.57
CA PHE E 16 -22.41 2.50 -9.29
C PHE E 16 -21.67 1.65 -10.31
N THR E 17 -20.58 2.16 -10.88
CA THR E 17 -19.80 1.39 -11.82
C THR E 17 -19.03 0.27 -11.13
N THR E 18 -18.53 0.52 -9.92
CA THR E 18 -17.76 -0.49 -9.20
C THR E 18 -18.62 -1.41 -8.35
N ILE E 19 -19.88 -1.06 -8.07
CA ILE E 19 -20.80 -2.03 -7.49
C ILE E 19 -21.12 -3.10 -8.53
N MET E 20 -21.49 -2.68 -9.73
CA MET E 20 -21.84 -3.60 -10.81
C MET E 20 -20.63 -4.30 -11.42
N MET E 21 -19.42 -3.82 -11.17
CA MET E 21 -18.21 -4.53 -11.55
C MET E 21 -17.81 -5.58 -10.52
N THR E 22 -18.06 -5.30 -9.24
CA THR E 22 -17.82 -6.30 -8.21
C THR E 22 -18.89 -7.38 -8.22
N LEU E 23 -20.14 -6.99 -8.48
CA LEU E 23 -21.24 -7.95 -8.47
C LEU E 23 -21.17 -8.90 -9.65
N PHE E 24 -20.74 -8.41 -10.81
CA PHE E 24 -20.53 -9.29 -11.96
C PHE E 24 -19.34 -10.22 -11.72
N MET E 25 -18.37 -9.76 -10.94
CA MET E 25 -17.22 -10.58 -10.60
C MET E 25 -17.61 -11.69 -9.63
N LEU E 26 -18.38 -11.34 -8.59
CA LEU E 26 -18.78 -12.28 -7.55
C LEU E 26 -19.81 -13.31 -8.01
N VAL E 27 -20.48 -13.07 -9.13
CA VAL E 27 -21.50 -13.97 -9.64
C VAL E 27 -20.84 -14.91 -10.64
N SER E 28 -19.90 -14.38 -11.42
CA SER E 28 -19.15 -15.23 -12.35
C SER E 28 -18.20 -16.17 -11.62
N LEU E 29 -17.72 -15.77 -10.46
CA LEU E 29 -16.89 -16.67 -9.66
C LEU E 29 -17.71 -17.82 -9.10
N SER E 30 -18.87 -17.51 -8.50
CA SER E 30 -19.72 -18.54 -7.91
C SER E 30 -20.66 -19.18 -8.93
N GLY E 31 -20.46 -18.95 -10.22
CA GLY E 31 -21.20 -19.65 -11.24
C GLY E 31 -20.38 -20.78 -11.83
N ILE E 32 -19.06 -20.64 -11.77
CA ILE E 32 -18.16 -21.72 -12.15
C ILE E 32 -18.02 -22.70 -10.99
N ILE E 33 -18.17 -22.23 -9.75
CA ILE E 33 -18.30 -23.15 -8.62
C ILE E 33 -19.64 -23.86 -8.68
N LYS E 34 -20.69 -23.17 -9.15
CA LYS E 34 -22.01 -23.75 -9.37
C LYS E 34 -22.11 -24.57 -10.64
N PHE E 35 -20.97 -24.85 -11.30
CA PHE E 35 -20.84 -25.80 -12.40
C PHE E 35 -20.45 -27.15 -11.80
N VAL E 36 -20.86 -27.35 -10.54
CA VAL E 36 -20.62 -28.58 -9.78
C VAL E 36 -21.52 -29.71 -10.27
N ASP E 37 -22.73 -29.39 -10.76
CA ASP E 37 -23.71 -30.43 -11.05
C ASP E 37 -23.49 -31.06 -12.44
N GLN E 38 -22.24 -31.46 -12.65
CA GLN E 38 -21.86 -32.59 -13.48
C GLN E 38 -20.87 -33.51 -12.79
N LEU E 39 -20.06 -32.99 -11.86
CA LEU E 39 -19.14 -33.71 -10.99
C LEU E 39 -18.15 -34.63 -11.72
N GLY E 51 -24.58 -32.24 -19.78
CA GLY E 51 -23.38 -31.51 -20.15
C GLY E 51 -23.66 -30.08 -20.52
N ALA E 52 -24.84 -29.85 -21.12
CA ALA E 52 -25.31 -28.51 -21.46
C ALA E 52 -26.52 -28.12 -20.63
N GLY E 53 -26.63 -28.65 -19.41
CA GLY E 53 -27.66 -28.23 -18.50
C GLY E 53 -27.39 -26.83 -17.99
N MET E 54 -28.24 -25.87 -18.37
CA MET E 54 -28.11 -24.49 -17.95
C MET E 54 -28.82 -24.21 -16.63
N TYR E 55 -28.55 -25.05 -15.63
CA TYR E 55 -29.05 -24.81 -14.28
C TYR E 55 -28.38 -23.61 -13.65
N THR E 56 -27.12 -23.36 -14.00
CA THR E 56 -26.36 -22.25 -13.44
C THR E 56 -26.66 -20.92 -14.13
N LEU E 57 -27.37 -20.93 -15.26
CA LEU E 57 -27.71 -19.69 -15.94
C LEU E 57 -29.05 -19.13 -15.49
N LEU E 58 -30.02 -19.99 -15.23
CA LEU E 58 -31.28 -19.54 -14.65
C LEU E 58 -31.18 -19.29 -13.15
N SER E 59 -30.12 -19.76 -12.51
CA SER E 59 -29.85 -19.46 -11.10
C SER E 59 -28.92 -18.26 -10.94
N VAL E 60 -28.67 -17.51 -12.01
CA VAL E 60 -27.95 -16.24 -11.87
C VAL E 60 -28.70 -15.21 -11.04
N PRO E 61 -29.99 -14.89 -11.27
CA PRO E 61 -30.63 -13.86 -10.43
C PRO E 61 -30.87 -14.27 -8.99
N LYS E 62 -30.69 -15.53 -8.63
CA LYS E 62 -30.61 -15.89 -7.22
C LYS E 62 -29.22 -15.55 -6.66
N ASP E 63 -28.17 -15.71 -7.46
CA ASP E 63 -26.83 -15.34 -7.01
C ASP E 63 -26.68 -13.83 -6.88
N VAL E 64 -27.40 -13.06 -7.71
CA VAL E 64 -27.38 -11.61 -7.58
C VAL E 64 -28.07 -11.18 -6.29
N GLN E 65 -29.12 -11.90 -5.89
CA GLN E 65 -29.81 -11.62 -4.63
C GLN E 65 -28.93 -11.95 -3.43
N ILE E 66 -28.01 -12.90 -3.57
CA ILE E 66 -27.22 -13.36 -2.43
C ILE E 66 -25.98 -12.48 -2.24
N PHE E 67 -25.33 -12.07 -3.33
CA PHE E 67 -24.08 -11.32 -3.26
C PHE E 67 -24.27 -9.81 -3.29
N PHE E 68 -25.50 -9.31 -3.22
CA PHE E 68 -25.72 -7.87 -3.38
C PHE E 68 -25.39 -7.04 -2.14
N PRO E 69 -25.68 -7.44 -0.89
CA PRO E 69 -25.15 -6.66 0.24
C PRO E 69 -23.65 -6.80 0.44
N MET E 70 -22.99 -7.75 -0.20
CA MET E 70 -21.54 -7.84 -0.13
C MET E 70 -20.84 -7.10 -1.27
N ALA E 71 -21.42 -7.08 -2.46
CA ALA E 71 -20.90 -6.24 -3.53
C ALA E 71 -21.16 -4.76 -3.26
N ALA E 72 -22.14 -4.45 -2.40
CA ALA E 72 -22.38 -3.06 -2.02
C ALA E 72 -21.29 -2.54 -1.10
N LEU E 73 -20.86 -3.35 -0.13
CA LEU E 73 -19.79 -2.94 0.77
C LEU E 73 -18.44 -2.94 0.08
N LEU E 74 -18.14 -4.02 -0.66
CA LEU E 74 -16.84 -4.14 -1.31
C LEU E 74 -16.71 -3.20 -2.51
N GLY E 75 -17.81 -2.94 -3.22
CA GLY E 75 -17.74 -2.04 -4.35
C GLY E 75 -17.70 -0.57 -3.98
N ALA E 76 -18.23 -0.19 -2.82
CA ALA E 76 -18.16 1.18 -2.36
C ALA E 76 -16.89 1.46 -1.55
N LEU E 77 -16.29 0.43 -0.95
CA LEU E 77 -14.94 0.59 -0.40
C LEU E 77 -13.92 0.76 -1.52
N LEU E 78 -14.18 0.15 -2.67
CA LEU E 78 -13.29 0.21 -3.82
C LEU E 78 -13.48 1.47 -4.65
N GLY E 79 -14.66 2.09 -4.58
CA GLY E 79 -14.95 3.27 -5.38
C GLY E 79 -14.69 4.56 -4.62
N LEU E 80 -14.99 4.57 -3.33
CA LEU E 80 -14.62 5.70 -2.50
C LEU E 80 -13.14 5.67 -2.13
N GLY E 81 -12.55 4.48 -2.05
CA GLY E 81 -11.14 4.36 -1.76
C GLY E 81 -10.24 4.83 -2.88
N MET E 82 -10.71 4.79 -4.12
CA MET E 82 -9.97 5.36 -5.23
C MET E 82 -10.20 6.86 -5.37
N LEU E 83 -11.27 7.39 -4.80
CA LEU E 83 -11.42 8.83 -4.68
C LEU E 83 -10.53 9.40 -3.59
N ALA E 84 -10.14 8.59 -2.61
CA ALA E 84 -9.31 9.06 -1.52
C ALA E 84 -7.82 8.93 -1.83
N GLN E 85 -7.44 7.86 -2.55
CA GLN E 85 -6.03 7.68 -2.89
C GLN E 85 -5.60 8.56 -4.06
N ARG E 86 -6.53 9.07 -4.85
CA ARG E 86 -6.26 10.06 -5.87
C ARG E 86 -6.37 11.48 -5.33
N SER E 87 -6.58 11.61 -4.02
CA SER E 87 -6.67 12.86 -3.27
C SER E 87 -7.80 13.77 -3.72
N GLU E 88 -8.82 13.24 -4.40
CA GLU E 88 -9.97 14.02 -4.81
C GLU E 88 -11.16 13.85 -3.88
N LEU E 89 -10.90 13.39 -2.64
CA LEU E 89 -11.90 13.39 -1.59
C LEU E 89 -11.67 14.52 -0.58
N VAL E 90 -10.44 15.01 -0.48
CA VAL E 90 -10.17 16.18 0.34
C VAL E 90 -10.21 17.47 -0.48
N VAL E 91 -10.03 17.39 -1.80
CA VAL E 91 -9.95 18.63 -2.60
C VAL E 91 -11.34 19.14 -2.96
N MET E 92 -12.38 18.34 -2.79
CA MET E 92 -13.73 18.85 -2.93
C MET E 92 -14.33 19.30 -1.62
N GLN E 93 -13.87 18.76 -0.50
CA GLN E 93 -14.31 19.26 0.79
C GLN E 93 -13.44 20.41 1.29
N ALA E 94 -12.33 20.71 0.63
CA ALA E 94 -11.59 21.94 0.86
C ALA E 94 -12.04 23.06 -0.07
N SER E 95 -13.14 22.84 -0.80
CA SER E 95 -13.68 23.85 -1.69
C SER E 95 -15.20 23.87 -1.59
N GLY E 96 -15.74 23.83 -0.37
CA GLY E 96 -17.15 23.54 -0.27
C GLY E 96 -17.52 22.39 0.63
N PHE E 97 -17.84 21.25 0.01
CA PHE E 97 -18.61 20.11 0.51
C PHE E 97 -18.47 19.71 1.96
N THR E 98 -19.58 19.71 2.69
CA THR E 98 -19.63 19.12 4.00
C THR E 98 -19.51 17.60 3.89
N ARG E 99 -19.19 16.96 5.00
CA ARG E 99 -19.13 15.51 5.03
C ARG E 99 -20.51 14.87 5.01
N MET E 100 -21.57 15.65 5.19
CA MET E 100 -22.93 15.15 5.10
C MET E 100 -23.43 15.06 3.66
N GLN E 101 -23.11 16.04 2.82
CA GLN E 101 -23.60 16.04 1.45
C GLN E 101 -22.68 15.29 0.49
N VAL E 102 -21.70 14.57 1.01
CA VAL E 102 -20.99 13.54 0.25
C VAL E 102 -21.52 12.20 0.75
N ALA E 103 -22.04 12.19 1.98
CA ALA E 103 -22.78 11.02 2.45
C ALA E 103 -24.15 10.94 1.78
N LEU E 104 -24.75 12.08 1.46
CA LEU E 104 -26.04 12.09 0.78
C LEU E 104 -25.91 11.74 -0.69
N SER E 105 -24.71 11.79 -1.25
CA SER E 105 -24.49 11.45 -2.65
C SER E 105 -24.20 9.97 -2.87
N VAL E 106 -23.88 9.22 -1.81
CA VAL E 106 -23.83 7.77 -1.91
C VAL E 106 -25.12 7.12 -1.47
N MET E 107 -26.07 7.88 -0.93
CA MET E 107 -27.41 7.38 -0.69
C MET E 107 -28.33 7.63 -1.87
N LYS E 108 -28.05 8.65 -2.69
CA LYS E 108 -28.84 8.89 -3.88
C LYS E 108 -28.58 7.85 -4.96
N THR E 109 -27.41 7.22 -4.94
CA THR E 109 -27.13 6.06 -5.79
C THR E 109 -27.39 4.74 -5.08
N ALA E 110 -27.90 4.78 -3.85
CA ALA E 110 -28.30 3.58 -3.15
C ALA E 110 -29.77 3.24 -3.35
N ILE E 111 -30.59 4.22 -3.69
CA ILE E 111 -32.01 4.01 -3.98
C ILE E 111 -32.22 3.22 -5.28
N PRO E 112 -31.50 3.45 -6.40
CA PRO E 112 -31.61 2.48 -7.51
C PRO E 112 -31.05 1.10 -7.21
N LEU E 113 -30.19 0.97 -6.20
CA LEU E 113 -29.70 -0.35 -5.81
C LEU E 113 -30.70 -1.09 -4.93
N VAL E 114 -31.39 -0.38 -4.04
CA VAL E 114 -32.43 -0.99 -3.21
C VAL E 114 -33.65 -1.35 -4.06
N LEU E 115 -33.98 -0.52 -5.05
CA LEU E 115 -35.07 -0.80 -5.96
C LEU E 115 -34.69 -1.79 -7.07
N LEU E 116 -33.55 -2.47 -6.95
CA LEU E 116 -33.17 -3.55 -7.83
C LEU E 116 -33.06 -4.89 -7.12
N THR E 117 -32.66 -4.91 -5.85
CA THR E 117 -32.59 -6.14 -5.08
C THR E 117 -33.92 -6.52 -4.45
N MET E 118 -34.93 -5.66 -4.56
CA MET E 118 -36.31 -6.04 -4.23
C MET E 118 -37.18 -6.13 -5.47
N ALA E 119 -36.69 -5.70 -6.63
CA ALA E 119 -37.40 -5.88 -7.88
C ALA E 119 -37.04 -7.19 -8.57
N ILE E 120 -35.87 -7.75 -8.28
CA ILE E 120 -35.53 -9.07 -8.80
C ILE E 120 -35.66 -10.16 -7.74
N GLY E 121 -35.78 -9.80 -6.47
CA GLY E 121 -36.05 -10.75 -5.43
C GLY E 121 -37.52 -11.10 -5.27
N GLU E 122 -38.37 -10.49 -6.10
CA GLU E 122 -39.80 -10.79 -6.09
C GLU E 122 -40.36 -11.08 -7.48
N TRP E 123 -39.71 -10.63 -8.56
CA TRP E 123 -40.19 -10.92 -9.90
C TRP E 123 -39.34 -11.90 -10.68
N VAL E 124 -38.03 -12.01 -10.38
CA VAL E 124 -37.10 -12.77 -11.21
C VAL E 124 -36.55 -13.99 -10.48
N ALA E 125 -36.02 -13.80 -9.26
CA ALA E 125 -35.40 -14.89 -8.52
C ALA E 125 -36.40 -15.96 -8.03
N PRO E 126 -37.70 -15.64 -7.77
CA PRO E 126 -38.70 -16.72 -7.72
C PRO E 126 -38.79 -17.55 -8.99
N GLN E 127 -39.11 -16.90 -10.10
CA GLN E 127 -39.46 -17.63 -11.31
C GLN E 127 -38.25 -18.16 -12.06
N GLY E 128 -37.05 -17.67 -11.75
CA GLY E 128 -35.86 -18.15 -12.41
C GLY E 128 -35.30 -19.40 -11.76
N GLU E 129 -35.30 -19.41 -10.41
CA GLU E 129 -34.82 -20.57 -9.68
C GLU E 129 -35.76 -21.76 -9.79
N GLN E 130 -37.07 -21.51 -9.74
CA GLN E 130 -38.05 -22.59 -9.84
C GLN E 130 -38.08 -23.22 -11.23
N MET E 131 -37.91 -22.42 -12.28
CA MET E 131 -37.90 -22.98 -13.63
C MET E 131 -36.58 -23.66 -13.99
N ALA E 132 -35.55 -23.51 -13.16
CA ALA E 132 -34.31 -24.25 -13.29
C ALA E 132 -34.35 -25.59 -12.56
N ARG E 133 -34.95 -25.61 -11.36
CA ARG E 133 -35.10 -26.85 -10.62
C ARG E 133 -36.07 -27.80 -11.29
N ASN E 134 -37.03 -27.28 -12.05
CA ASN E 134 -37.92 -28.12 -12.85
C ASN E 134 -37.27 -28.56 -14.15
N TYR E 135 -36.35 -27.76 -14.69
CA TYR E 135 -35.63 -28.15 -15.89
C TYR E 135 -34.60 -29.25 -15.60
N ARG E 136 -34.12 -29.31 -14.36
CA ARG E 136 -33.17 -30.35 -13.94
C ARG E 136 -33.88 -31.60 -13.43
N ALA E 137 -35.10 -31.85 -13.93
CA ALA E 137 -35.77 -33.13 -13.72
C ALA E 137 -35.34 -34.07 -14.84
N GLN E 138 -34.06 -34.46 -14.78
CA GLN E 138 -33.31 -35.35 -15.71
C GLN E 138 -33.63 -35.18 -17.20
N PRO E 246 -36.10 -23.48 2.36
CA PRO E 246 -37.03 -23.01 3.39
C PRO E 246 -38.34 -22.54 2.78
N ASP E 247 -38.84 -23.27 1.78
CA ASP E 247 -39.94 -22.86 0.91
C ASP E 247 -39.68 -21.47 0.33
N ALA E 248 -38.49 -21.31 -0.23
CA ALA E 248 -38.05 -20.01 -0.75
C ALA E 248 -38.79 -19.67 -2.04
N LEU E 249 -39.90 -18.93 -1.93
CA LEU E 249 -40.69 -18.55 -3.09
C LEU E 249 -40.63 -17.05 -3.36
N SER E 250 -41.10 -16.22 -2.42
CA SER E 250 -41.23 -14.79 -2.67
C SER E 250 -41.43 -14.08 -1.34
N ILE E 251 -41.35 -12.74 -1.40
CA ILE E 251 -41.76 -11.95 -0.24
C ILE E 251 -43.27 -11.74 -0.23
N SER E 252 -43.93 -11.91 -1.37
CA SER E 252 -45.38 -11.86 -1.44
C SER E 252 -46.01 -13.25 -1.34
N GLY E 253 -45.28 -14.28 -1.78
CA GLY E 253 -45.79 -15.63 -1.67
C GLY E 253 -45.77 -16.15 -0.25
N LEU E 254 -44.73 -15.82 0.51
CA LEU E 254 -44.69 -16.20 1.92
C LEU E 254 -45.53 -15.29 2.80
N HIS E 255 -45.88 -14.10 2.30
CA HIS E 255 -46.80 -13.22 3.03
C HIS E 255 -48.19 -13.84 3.01
N ASN E 256 -48.76 -14.03 4.21
CA ASN E 256 -50.00 -14.77 4.45
C ASN E 256 -49.90 -16.18 3.85
N TYR E 257 -48.88 -16.91 4.27
CA TYR E 257 -48.74 -18.33 3.94
C TYR E 257 -48.86 -19.21 5.18
N VAL E 258 -48.03 -19.01 6.19
CA VAL E 258 -47.99 -19.89 7.35
C VAL E 258 -48.75 -19.24 8.51
N LYS E 259 -49.80 -19.93 8.96
CA LYS E 259 -50.51 -19.59 10.18
C LYS E 259 -50.64 -20.86 11.02
N TYR E 260 -50.79 -21.99 10.34
CA TYR E 260 -51.01 -23.27 10.99
C TYR E 260 -49.88 -24.25 10.69
N ALA E 268 -45.42 -19.86 16.87
CA ALA E 268 -44.16 -19.41 16.30
C ALA E 268 -43.36 -20.58 15.76
N GLY E 269 -42.51 -20.31 14.78
CA GLY E 269 -41.69 -21.33 14.15
C GLY E 269 -40.50 -20.72 13.44
N ARG E 270 -40.05 -21.39 12.38
CA ARG E 270 -38.89 -20.96 11.62
C ARG E 270 -39.26 -20.22 10.33
N TYR E 271 -40.42 -20.52 9.74
CA TYR E 271 -40.75 -20.05 8.40
C TYR E 271 -41.08 -18.57 8.34
N GLN E 272 -41.27 -17.89 9.47
CA GLN E 272 -41.47 -16.44 9.44
C GLN E 272 -40.16 -15.67 9.46
N LEU E 273 -39.08 -16.29 9.94
CA LEU E 273 -37.79 -15.61 9.94
C LEU E 273 -37.23 -15.49 8.54
N ASN E 274 -37.60 -16.41 7.63
CA ASN E 274 -37.24 -16.29 6.23
C ASN E 274 -37.99 -15.16 5.54
N MET E 275 -39.10 -14.70 6.12
CA MET E 275 -39.79 -13.53 5.58
C MET E 275 -39.10 -12.24 6.03
N TRP E 276 -38.71 -12.16 7.30
CA TRP E 276 -38.11 -10.92 7.80
C TRP E 276 -36.67 -10.76 7.34
N SER E 277 -35.96 -11.87 7.11
CA SER E 277 -34.63 -11.81 6.53
C SER E 277 -34.65 -11.68 5.02
N LYS E 278 -35.82 -11.48 4.43
CA LYS E 278 -35.98 -11.20 3.01
C LYS E 278 -36.68 -9.89 2.72
N ILE E 279 -37.45 -9.35 3.67
CA ILE E 279 -38.16 -8.11 3.38
C ILE E 279 -37.24 -6.91 3.53
N PHE E 280 -36.31 -6.94 4.50
CA PHE E 280 -35.36 -5.85 4.61
C PHE E 280 -33.95 -6.34 4.34
N GLN E 281 -33.84 -7.33 3.46
CA GLN E 281 -32.60 -7.62 2.76
C GLN E 281 -32.22 -6.48 1.80
N PRO E 282 -33.16 -5.76 1.15
CA PRO E 282 -32.76 -4.48 0.53
C PRO E 282 -32.32 -3.41 1.51
N LEU E 283 -32.75 -3.46 2.77
CA LEU E 283 -32.27 -2.48 3.74
C LEU E 283 -30.82 -2.73 4.11
N SER E 284 -30.37 -3.97 4.01
CA SER E 284 -28.98 -4.31 4.28
C SER E 284 -28.02 -3.84 3.19
N VAL E 285 -28.54 -3.48 2.02
CA VAL E 285 -27.70 -2.91 0.98
C VAL E 285 -27.35 -1.46 1.32
N ALA E 286 -28.32 -0.70 1.80
CA ALA E 286 -28.08 0.70 2.14
C ALA E 286 -27.29 0.83 3.43
N VAL E 287 -27.33 -0.18 4.31
CA VAL E 287 -26.52 -0.15 5.52
C VAL E 287 -25.05 -0.38 5.18
N MET E 288 -24.77 -1.31 4.26
CA MET E 288 -23.39 -1.62 3.91
C MET E 288 -22.74 -0.55 3.03
N MET E 289 -23.52 0.22 2.29
CA MET E 289 -22.94 1.38 1.60
C MET E 289 -22.68 2.52 2.57
N LEU E 290 -23.46 2.62 3.64
CA LEU E 290 -23.16 3.57 4.70
C LEU E 290 -21.95 3.11 5.51
N MET E 291 -21.79 1.80 5.66
CA MET E 291 -20.66 1.27 6.42
C MET E 291 -19.37 1.38 5.63
N ALA E 292 -19.45 1.23 4.31
CA ALA E 292 -18.27 1.38 3.45
C ALA E 292 -17.80 2.82 3.35
N LEU E 293 -18.63 3.77 3.73
CA LEU E 293 -18.27 5.18 3.82
C LEU E 293 -17.83 5.58 5.21
N SER E 294 -18.28 4.86 6.23
CA SER E 294 -17.97 5.23 7.62
C SER E 294 -16.51 4.97 7.97
N PHE E 295 -15.89 3.94 7.39
CA PHE E 295 -14.45 3.78 7.52
C PHE E 295 -13.73 4.00 6.20
N ILE E 296 -14.21 4.94 5.40
CA ILE E 296 -13.37 5.69 4.49
C ILE E 296 -13.03 7.05 5.09
N PHE E 297 -14.00 7.70 5.74
CA PHE E 297 -13.71 8.84 6.60
C PHE E 297 -13.00 8.45 7.88
N GLY E 298 -13.04 7.17 8.25
CA GLY E 298 -12.38 6.71 9.45
C GLY E 298 -11.03 6.07 9.14
N PRO E 299 -10.80 4.88 9.68
CA PRO E 299 -9.45 4.30 9.62
C PRO E 299 -9.12 3.48 8.37
N LEU E 300 -9.51 3.93 7.17
CA LEU E 300 -8.96 3.36 5.95
C LEU E 300 -8.78 4.41 4.86
N ARG E 301 -8.52 5.66 5.23
CA ARG E 301 -8.33 6.67 4.20
C ARG E 301 -6.90 6.71 3.68
N SER E 302 -5.94 6.25 4.49
CA SER E 302 -4.53 6.34 4.14
C SER E 302 -3.89 4.96 4.18
N VAL E 303 -4.64 3.93 3.81
CA VAL E 303 -4.13 2.57 3.71
C VAL E 303 -4.00 2.27 2.22
N PRO E 304 -3.23 1.25 1.82
CA PRO E 304 -3.23 0.85 0.41
C PRO E 304 -4.56 0.22 0.00
N MET E 305 -4.72 0.05 -1.31
CA MET E 305 -5.98 -0.43 -1.86
C MET E 305 -6.23 -1.90 -1.54
N GLY E 306 -5.17 -2.68 -1.36
CA GLY E 306 -5.34 -4.09 -1.04
C GLY E 306 -5.84 -4.35 0.35
N VAL E 307 -5.57 -3.43 1.29
CA VAL E 307 -6.04 -3.58 2.65
C VAL E 307 -7.54 -3.33 2.73
N ARG E 308 -8.07 -2.46 1.85
CA ARG E 308 -9.50 -2.22 1.81
C ARG E 308 -10.26 -3.41 1.24
N VAL E 309 -9.64 -4.14 0.31
CA VAL E 309 -10.29 -5.32 -0.26
C VAL E 309 -10.31 -6.46 0.76
N VAL E 310 -9.20 -6.65 1.47
CA VAL E 310 -9.09 -7.67 2.50
C VAL E 310 -10.06 -7.40 3.64
N THR E 311 -10.25 -6.12 3.99
CA THR E 311 -11.26 -5.75 4.99
C THR E 311 -12.67 -5.98 4.45
N GLY E 312 -12.88 -5.73 3.15
CA GLY E 312 -14.19 -5.95 2.57
C GLY E 312 -14.59 -7.41 2.48
N ILE E 313 -13.61 -8.30 2.31
CA ILE E 313 -13.90 -9.73 2.35
C ILE E 313 -14.10 -10.20 3.79
N SER E 314 -13.29 -9.66 4.71
CA SER E 314 -13.34 -10.09 6.11
C SER E 314 -14.64 -9.67 6.79
N PHE E 315 -15.17 -8.50 6.46
CA PHE E 315 -16.47 -8.08 6.96
C PHE E 315 -17.62 -8.66 6.16
N GLY E 316 -17.32 -9.42 5.11
CA GLY E 316 -18.32 -10.22 4.43
C GLY E 316 -18.36 -11.61 5.00
N PHE E 317 -17.38 -11.93 5.85
CA PHE E 317 -17.41 -13.17 6.61
C PHE E 317 -18.21 -13.01 7.90
N VAL E 318 -18.07 -11.84 8.55
CA VAL E 318 -18.82 -11.55 9.77
C VAL E 318 -20.31 -11.49 9.47
N PHE E 319 -20.69 -10.96 8.30
CA PHE E 319 -22.11 -10.91 7.94
C PHE E 319 -22.68 -12.27 7.63
N TYR E 320 -21.85 -13.22 7.18
CA TYR E 320 -22.30 -14.59 7.08
C TYR E 320 -22.50 -15.20 8.46
N VAL E 321 -21.59 -14.92 9.39
CA VAL E 321 -21.69 -15.43 10.76
C VAL E 321 -22.90 -14.89 11.51
N LEU E 322 -23.18 -13.59 11.38
CA LEU E 322 -24.33 -13.00 12.05
C LEU E 322 -25.66 -13.39 11.42
N ASP E 323 -25.66 -13.97 10.23
CA ASP E 323 -26.91 -14.36 9.60
C ASP E 323 -27.29 -15.80 9.92
N GLN E 324 -26.31 -16.67 10.16
CA GLN E 324 -26.57 -18.08 10.40
C GLN E 324 -26.36 -18.49 11.85
N ILE E 325 -25.86 -17.59 12.70
CA ILE E 325 -25.78 -17.84 14.14
C ILE E 325 -26.78 -17.01 14.92
N PHE E 326 -27.27 -15.90 14.37
CA PHE E 326 -28.45 -15.24 14.94
C PHE E 326 -29.74 -15.68 14.28
N GLY E 327 -29.67 -16.55 13.28
CA GLY E 327 -30.85 -17.07 12.64
C GLY E 327 -31.58 -18.10 13.48
N PRO E 328 -30.97 -19.26 13.68
CA PRO E 328 -31.60 -20.26 14.58
C PRO E 328 -31.65 -19.82 16.02
N LEU E 329 -30.53 -19.32 16.57
CA LEU E 329 -30.37 -19.15 18.02
C LEU E 329 -31.31 -18.09 18.59
N THR E 330 -31.86 -17.22 17.76
CA THR E 330 -32.88 -16.31 18.26
C THR E 330 -34.28 -16.94 18.36
N LEU E 331 -34.44 -18.25 18.20
CA LEU E 331 -35.74 -18.89 18.41
C LEU E 331 -35.62 -20.04 19.40
N VAL E 332 -34.47 -20.74 19.34
CA VAL E 332 -34.34 -22.00 20.06
C VAL E 332 -33.71 -21.79 21.44
N TYR E 333 -32.89 -20.75 21.60
CA TYR E 333 -32.29 -20.42 22.89
C TYR E 333 -32.62 -19.00 23.31
N GLY E 334 -33.70 -18.44 22.76
CA GLY E 334 -34.14 -17.11 23.11
C GLY E 334 -35.48 -16.81 22.47
N ILE E 335 -35.98 -15.59 22.62
CA ILE E 335 -37.28 -15.20 22.05
C ILE E 335 -37.37 -13.89 21.25
N PRO E 336 -36.49 -13.54 20.31
CA PRO E 336 -36.87 -12.50 19.33
C PRO E 336 -37.82 -13.04 18.27
N PRO E 337 -39.05 -12.53 18.21
CA PRO E 337 -39.97 -12.96 17.15
C PRO E 337 -39.65 -12.44 15.75
N ILE E 338 -39.50 -11.11 15.62
CA ILE E 338 -39.28 -10.46 14.34
C ILE E 338 -37.89 -9.86 14.26
N ILE E 339 -37.41 -9.29 15.37
CA ILE E 339 -36.17 -8.53 15.41
C ILE E 339 -34.93 -9.41 15.34
N GLY E 340 -35.12 -10.73 15.31
CA GLY E 340 -33.99 -11.64 15.15
C GLY E 340 -33.32 -11.54 13.79
N ALA E 341 -34.08 -11.14 12.77
CA ALA E 341 -33.52 -10.88 11.45
C ALA E 341 -32.95 -9.48 11.32
N LEU E 342 -33.23 -8.59 12.28
CA LEU E 342 -32.75 -7.22 12.24
C LEU E 342 -31.31 -7.10 12.70
N LEU E 343 -30.90 -7.93 13.66
CA LEU E 343 -29.57 -7.96 14.25
C LEU E 343 -28.39 -8.11 13.27
N PRO E 344 -28.53 -8.76 12.10
CA PRO E 344 -27.48 -8.57 11.08
C PRO E 344 -27.33 -7.13 10.59
N SER E 345 -28.45 -6.45 10.34
CA SER E 345 -28.36 -5.09 9.83
C SER E 345 -28.25 -4.05 10.95
N ALA E 346 -28.86 -4.31 12.11
CA ALA E 346 -28.84 -3.36 13.20
C ALA E 346 -27.48 -3.26 13.88
N SER E 347 -26.67 -4.32 13.83
CA SER E 347 -25.36 -4.30 14.46
C SER E 347 -24.27 -3.75 13.55
N PHE E 348 -24.49 -3.72 12.24
CA PHE E 348 -23.57 -3.06 11.32
C PHE E 348 -23.91 -1.60 11.10
N PHE E 349 -25.09 -1.17 11.56
CA PHE E 349 -25.45 0.23 11.59
C PHE E 349 -24.86 0.93 12.81
N LEU E 350 -24.66 0.21 13.91
CA LEU E 350 -24.07 0.81 15.09
C LEU E 350 -22.56 1.00 14.94
N ILE E 351 -21.89 0.15 14.18
CA ILE E 351 -20.47 0.34 13.90
C ILE E 351 -20.29 1.54 12.98
N SER E 352 -21.27 1.82 12.11
CA SER E 352 -21.15 2.91 11.17
C SER E 352 -21.25 4.27 11.84
N LEU E 353 -22.16 4.41 12.81
CA LEU E 353 -22.28 5.67 13.53
C LEU E 353 -21.34 5.74 14.73
N TRP E 354 -20.55 4.71 14.98
CA TRP E 354 -19.49 4.79 15.98
C TRP E 354 -18.17 5.23 15.37
N LEU E 355 -17.96 4.99 14.09
CA LEU E 355 -16.70 5.30 13.42
C LEU E 355 -16.65 6.70 12.84
N LEU E 356 -17.78 7.39 12.73
CA LEU E 356 -17.79 8.76 12.23
C LEU E 356 -18.28 9.78 13.25
N MET E 357 -18.77 9.33 14.41
CA MET E 357 -19.25 10.25 15.43
C MET E 357 -18.40 10.22 16.69
N ARG E 358 -18.19 9.05 17.28
CA ARG E 358 -17.37 8.97 18.48
C ARG E 358 -15.88 9.15 18.20
N LYS E 359 -15.43 8.85 16.99
CA LYS E 359 -14.05 9.04 16.60
C LYS E 359 -13.87 10.27 15.71
N SER E 360 -14.64 11.32 15.97
CA SER E 360 -14.54 12.55 15.20
C SER E 360 -14.23 13.74 16.10
O2 DCQ F . 10.77 1.85 15.88
C2 DCQ F . 11.53 1.66 14.89
C3 DCQ F . 13.12 1.33 14.89
O3 DCQ F . 14.31 1.05 15.92
C3M DCQ F . 15.87 0.73 16.19
C4 DCQ F . 13.49 1.10 13.45
O4 DCQ F . 14.87 0.99 13.34
C4M DCQ F . 16.04 1.03 12.45
C5 DCQ F . 12.72 1.33 12.28
O5 DCQ F . 13.18 1.10 11.13
C1 DCQ F . 10.78 1.76 13.68
C1M DCQ F . 9.40 2.07 13.79
C6 DCQ F . 11.32 1.63 12.41
C7 DCQ F . 10.64 1.74 11.14
C8 DCQ F . 10.18 3.09 10.47
C9 DCQ F . 9.84 2.72 9.01
C10 DCQ F . 8.87 1.56 8.90
C11 DCQ F . 7.42 1.68 9.38
C12 DCQ F . 6.83 0.25 9.20
C13 DCQ F . 7.05 -0.16 7.74
C14 DCQ F . 6.64 -1.56 7.32
C15 DCQ F . 7.13 -1.66 5.86
C16 DCQ F . 8.69 -1.47 5.79
CAA LMN G . -10.99 -18.45 -5.25
CAB LMN G . -12.96 -17.31 -13.50
OAL LMN G . -6.46 -1.76 -10.19
OAN LMN G . -2.42 -5.01 -9.48
CAW LMN G . -10.00 -17.42 -5.76
CAX LMN G . -11.90 -16.81 -14.48
CAY LMN G . -10.69 -16.11 -6.12
CAZ LMN G . -11.38 -15.45 -14.02
CBA LMN G . -9.62 -15.17 -6.63
CBB LMN G . -10.78 -15.64 -12.63
CBC LMN G . -10.18 -13.81 -7.05
CBD LMN G . -10.18 -14.34 -12.09
CBE LMN G . -8.98 -13.06 -7.60
CBF LMN G . -9.11 -13.90 -13.07
CBG LMN G . -9.30 -11.70 -8.20
CBH LMN G . -8.37 -12.68 -12.54
CBI LMN G . -7.94 -11.31 -8.76
CBJ LMN G . -7.23 -12.28 -13.50
CBK LMN G . -7.94 -10.07 -9.64
CBL LMN G . -6.46 -11.21 -12.73
CBP LMN G . -5.71 -1.86 -11.40
CBQ LMN G . -6.48 -10.06 -10.14
CBR LMN G . -7.11 -9.83 -12.39
CBS LMN G . -4.71 -9.34 -11.60
CBT LMN G . -6.53 -7.68 -10.94
OBV LMN G . -6.00 -6.92 -12.05
OBX LMN G . -5.96 -4.37 -11.64
OCB LMN G . -3.17 -2.35 -10.25
CCF LMN G . -5.03 -3.22 -11.51
CCH LMN G . -3.28 -4.72 -10.62
CCJ LMN G . -5.27 -5.64 -11.87
CCL LMN G . -4.21 -5.88 -10.76
CCM LMN G . -6.20 -9.13 -11.33
CCQ LMN G . -4.07 -3.45 -10.35
C1' LMT H . -0.21 -3.56 4.88
O1' LMT H . 0.15 -4.60 5.80
C1 LMT H . -0.65 -5.79 5.67
C2 LMT H . -0.47 -6.37 4.30
C3 LMT H . -1.29 -7.63 4.07
C4 LMT H . -2.77 -7.33 4.29
C5 LMT H . -3.55 -8.59 3.96
C6 LMT H . -3.19 -9.80 4.81
C7 LMT H . -4.09 -10.89 4.23
C8 LMT H . -3.94 -12.28 4.88
C9 LMT H . -4.90 -13.21 4.13
C10 LMT H . -6.34 -12.70 4.28
C11 LMT H . -7.33 -13.58 3.52
C12 LMT H . -8.73 -12.99 3.73
C4 L0W I . -23.93 -27.29 4.54
C5 L0W I . -24.09 -28.52 3.65
C6 L0W I . -25.03 -29.58 4.28
C7 L0W I . -22.38 -23.77 1.61
C8 L0W I . -21.38 -23.56 0.47
N2 L0W I . -22.71 -25.08 1.62
C3 L0W I . -22.97 -26.25 3.83
C1 L0W I . -23.70 -27.17 1.67
C2 L0W I . -23.60 -25.86 2.46
CAL L0W I . -26.73 -24.16 -0.75
CAN L0W I . -25.40 -23.28 -0.92
CAP L0W I . -25.38 -23.13 -2.28
CAR L0W I . -24.69 -24.78 -2.44
CAT L0W I . -25.36 -26.18 -1.57
CAV L0W I . -25.59 -26.67 -0.08
CBA L0W I . -27.20 -29.69 3.39
CDO L0W I . -26.06 -21.74 0.96
CDP L0W I . -26.59 -20.35 1.18
CDQ L0W I . -25.56 -19.35 1.68
CDR L0W I . -24.39 -19.29 0.71
CDS L0W I . -23.54 -18.16 1.21
CDT L0W I . -22.30 -17.90 0.33
CDU L0W I . -21.44 -16.61 0.61
CDV L0W I . -22.05 -15.19 0.26
CDW L0W I . -23.35 -14.75 0.94
CDX L0W I . -23.24 -14.57 2.44
CDY L0W I . -24.69 -14.47 2.96
CDZ L0W I . -25.64 -13.40 2.37
CEA L0W I . -25.18 -11.96 2.52
CEB L0W I . -26.30 -11.12 1.92
CEE L0W I . -24.30 -21.08 -3.15
CEF L0W I . -23.40 -20.61 -4.31
CEG L0W I . -21.93 -20.96 -4.04
CEH L0W I . -21.41 -20.20 -2.83
CEI L0W I . -19.98 -20.65 -2.56
CEJ L0W I . -19.44 -19.82 -1.40
CEK L0W I . -19.33 -18.35 -1.85
CEL L0W I . -18.29 -18.30 -2.97
CEM L0W I . -18.11 -16.87 -3.51
CEN L0W I . -16.98 -16.87 -4.53
CEO L0W I . -15.74 -17.33 -3.76
CEP L0W I . -14.46 -17.41 -4.58
CEQ L0W I . -13.39 -17.88 -3.60
CER L0W I . -12.04 -18.00 -4.31
CEW L0W I . -19.99 -23.89 0.99
CEX L0W I . -18.89 -24.02 -0.06
CEY L0W I . -17.79 -24.59 0.82
CEZ L0W I . -16.42 -24.74 0.18
CFA L0W I . -15.61 -25.51 1.24
CFB L0W I . -14.12 -25.59 0.91
CFC L0W I . -13.72 -24.14 1.02
CFD L0W I . -12.25 -23.81 0.82
CFE L0W I . -12.23 -22.31 1.08
CFF L0W I . -10.85 -21.68 1.00
CFG L0W I . -11.02 -20.20 1.33
CFH L0W I . -9.68 -19.48 1.29
CFK L0W I . -21.73 -25.20 5.49
CFL L0W I . -20.37 -25.48 4.83
CFM L0W I . -19.20 -25.02 5.73
CFN L0W I . -17.85 -25.72 5.20
CFO L0W I . -16.50 -25.19 5.78
CFP L0W I . -16.31 -23.83 5.10
CFQ L0W I . -15.24 -22.85 5.56
CFR L0W I . -15.50 -21.72 4.56
CFS L0W I . -14.96 -20.27 4.74
CFT L0W I . -13.52 -19.78 4.97
CFU L0W I . -12.94 -20.23 6.32
CFV L0W I . -11.59 -19.56 6.55
CFW L0W I . -11.87 -18.05 6.61
CFX L0W I . -10.59 -17.25 6.85
CGB L0W I . -19.82 -22.13 2.98
CGC L0W I . -18.96 -20.87 3.14
CGD L0W I . -19.82 -19.84 3.86
CGE L0W I . -19.15 -18.48 4.07
CGF L0W I . -18.79 -17.84 2.74
CGG L0W I . -18.22 -16.44 3.00
CGH L0W I . -17.86 -15.71 1.71
CGI L0W I . -16.80 -16.45 0.90
CGJ L0W I . -16.50 -15.67 -0.38
CGK L0W I . -16.00 -14.26 -0.05
CGL L0W I . -15.70 -13.47 -1.33
CGM L0W I . -14.61 -14.17 -2.14
CGN L0W I . -19.12 -23.63 7.50
CGP L0W I . -18.60 -22.40 8.23
CGQ L0W I . -17.96 -21.32 7.37
CGR L0W I . -17.33 -20.39 8.40
CGS L0W I . -18.24 -19.64 9.37
CGT L0W I . -17.23 -19.06 10.37
CGU L0W I . -16.14 -18.14 9.80
CGV L0W I . -15.22 -17.91 10.99
CGW L0W I . -13.96 -17.09 10.69
CGX L0W I . -14.11 -15.63 10.30
CGY L0W I . -14.77 -14.90 11.47
CGZ L0W I . -14.82 -13.39 11.20
CHA L0W I . -13.35 -12.93 11.04
CHB L0W I . -13.28 -11.42 10.77
NAO L0W I . -25.90 -22.02 -0.35
O1 L0W I . -24.26 -26.93 0.37
O3 L0W I . -22.74 -25.04 4.58
O4 L0W I . -23.50 -27.63 5.95
O5 L0W I . -24.53 -28.16 2.32
O6 L0W I . -26.36 -29.07 4.38
O7 L0W I . -22.92 -22.86 2.25
OAM L0W I . -27.91 -23.36 -1.07
OAQ L0W I . -24.47 -22.43 -3.16
OAS L0W I . -24.46 -25.09 -3.82
OAU L0W I . -26.42 -25.33 -1.60
OEC L0W I . -25.79 -22.48 1.91
OED L0W I . -26.15 -18.06 1.79
OES L0W I . -24.84 -20.29 -2.39
OET L0W I . -21.83 -22.36 -3.79
OFJ L0W I . -19.52 -22.80 1.83
OFY L0W I . -21.89 -25.16 6.71
OFZ L0W I . -19.22 -23.61 6.12
OGA L0W I . -20.64 -22.42 3.83
OGO L0W I . -19.46 -24.60 8.19
OHD L0W I . -21.13 -28.04 6.58
OHE L0W I . -22.96 -28.68 8.06
OHF L0W I . -22.44 -30.03 6.06
OHH L0W I . -29.94 -24.47 -1.57
OHI L0W I . -29.49 -22.20 -2.48
OHJ L0W I . -28.29 -24.18 -3.39
PHC L0W I . -22.44 -28.70 6.68
PHG L0W I . -28.98 -23.57 -2.25
CAA LMN J . -10.17 -12.70 -3.16
CAB LMN J . -14.24 -10.52 -8.53
OAL LMN J . -1.25 -0.82 -3.07
OAN LMN J . -3.31 1.63 -8.27
OAP LMN J . -2.92 -1.18 -8.30
CAW LMN J . -8.73 -12.29 -3.45
CAX LMN J . -14.42 -10.77 -7.02
CAY LMN J . -8.58 -10.77 -3.36
CAZ LMN J . -14.51 -9.56 -6.04
CBA LMN J . -7.13 -10.38 -3.63
CBB LMN J . -13.35 -8.55 -5.80
CBC LMN J . -6.96 -8.86 -3.54
CBD LMN J . -12.83 -7.69 -6.96
CBE LMN J . -5.50 -8.46 -3.78
CBF LMN J . -11.72 -6.78 -6.46
CBG LMN J . -5.36 -6.94 -3.64
CBH LMN J . -11.16 -5.95 -7.62
CBI LMN J . -6.23 -6.25 -4.68
CBJ LMN J . -10.08 -5.05 -7.05
CBK LMN J . -6.23 -4.71 -4.52
CBL LMN J . -9.36 -4.20 -8.12
CBP LMN J . -1.05 -0.05 -4.25
CBQ LMN J . -7.13 -3.98 -5.53
CBR LMN J . -8.19 -3.21 -7.76
CBS LMN J . -6.42 -4.91 -7.92
CBT LMN J . -5.83 -2.62 -7.07
OBV LMN J . -4.49 -2.84 -6.55
OBX LMN J . -2.77 -1.44 -5.45
OCB LMN J . -1.72 2.10 -5.98
CCF LMN J . -2.33 -0.07 -5.09
CCH LMN J . -3.44 0.84 -7.08
CCJ LMN J . -4.03 -1.47 -6.19
CCL LMN J . -3.89 -0.56 -7.46
CCM LMN J . -6.91 -3.73 -7.07
CCQ LMN J . -2.12 0.78 -6.34
O1B LMT K . 0.23 4.19 6.76
C1' LMT K . -1.07 0.37 8.11
C2' LMT K . -0.51 0.50 6.68
C3' LMT K . 0.33 1.78 6.54
C4' LMT K . -0.53 2.99 6.89
C5' LMT K . -1.00 2.84 8.33
C6' LMT K . -1.94 3.98 8.71
O1' LMT K . -1.91 -0.85 8.24
O2' LMT K . 0.29 -0.64 6.34
O3' LMT K . 0.78 1.91 5.18
O5' LMT K . -1.75 1.63 8.44
O6' LMT K . -1.26 5.23 8.63
C1 LMT K . -2.59 -1.33 9.44
C2 LMT K . -3.67 -0.35 9.96
C3 LMT K . -4.63 -0.15 8.80
C4 LMT K . -5.42 -1.41 8.42
C5 LMT K . -6.43 -1.82 9.49
C6 LMT K . -7.36 -0.61 9.54
C7 LMT K . -8.62 -0.65 10.40
C8 LMT K . -9.51 -1.78 9.86
C9 LMT K . -10.86 -1.77 10.58
C10 LMT K . -10.77 -1.93 12.09
C11 LMT K . -12.20 -1.88 12.63
C12 LMT K . -12.20 -2.03 14.14
O2 DCQ L . 4.09 -6.75 10.07
C2 DCQ L . 3.32 -5.84 10.35
C3 DCQ L . 3.53 -4.87 11.37
O3 DCQ L . 4.62 -4.80 12.22
C3M DCQ L . 5.83 -5.58 12.37
C4 DCQ L . 2.60 -3.88 11.62
O4 DCQ L . 3.01 -3.05 12.67
C4M DCQ L . 2.42 -1.89 13.31
C5 DCQ L . 1.41 -3.78 10.87
O5 DCQ L . 0.55 -2.92 11.03
C1 DCQ L . 2.14 -5.74 9.61
C1M DCQ L . 1.95 -6.70 8.60
C6 DCQ L . 1.19 -4.74 9.86
C7 DCQ L . 0.01 -4.63 9.10
C8 DCQ L . -1.21 -5.29 9.75
C9 DCQ L . -2.43 -5.09 8.83
C10 DCQ L . -3.66 -5.70 9.49
C11 DCQ L . -4.90 -5.50 8.62
C12 DCQ L . -6.07 -6.11 9.40
C13 DCQ L . -7.40 -5.96 8.68
C14 DCQ L . -8.45 -6.57 9.61
C15 DCQ L . -9.85 -6.46 9.01
C16 DCQ L . -10.84 -7.09 9.99
#